data_4YHY
#
_entry.id   4YHY
#
_cell.length_a   74.979
_cell.length_b   100.342
_cell.length_c   135.287
_cell.angle_alpha   90.00
_cell.angle_beta   90.00
_cell.angle_gamma   90.00
#
_symmetry.space_group_name_H-M   'P 21 21 21'
#
loop_
_entity.id
_entity.type
_entity.pdbx_description
1 polymer 'Fab Light Chain'
2 polymer 'Fab Heavy Chain'
3 non-polymer N-TRIMETHYLLYSINE
4 water water
#
loop_
_entity_poly.entity_id
_entity_poly.type
_entity_poly.pdbx_seq_one_letter_code
_entity_poly.pdbx_strand_id
1 'polypeptide(L)'
;SYVLTQPPSVSVAPGQTARITCGGTNIGDISVHWYQQRPGQAPLVVVYDDSDRPSGIPERFSGSNSGNTATLTISRVEAG
DEADYYCQVWDDSINAYVFGTGTKVTVLRTVAAPSVFIFPPSDSQLKSGTASVVCLLNNFYPREAKVQWKVDNALQSGNS
QESVTEQDSKDSTYSLSSTLTLSKADYEKHKVYACEVTHQGLSSPVTKSFNRGEC
;
C,L
2 'polypeptide(L)'
;EVQLVETGGGVVQPGRSLRLSCTASGFTFRDYWMSWVRQAPGKGLEWVADINPDGITRYYIDAVKGRFTISRDNAKSSLY
LQMNSLGAEDTAVYYCAREFHSGLGWHFDLWGRGTLVTVSSASTKGPSVFPLAPSSKSTSGGTAALGCLVKDYFPEPVTV
SWNSGALTSGVHTFPAVLQSSGLYSLSSVVTVPSSSLGTQTYICNVNHKPSNTKVDKKVEPKSCDKTHT
;
B,H
#
# COMPACT_ATOMS: atom_id res chain seq x y z
N LEU A 4 -19.05 -42.87 -8.23
CA LEU A 4 -18.35 -44.08 -8.67
C LEU A 4 -17.02 -44.23 -7.94
N THR A 5 -16.90 -45.29 -7.14
CA THR A 5 -15.75 -45.45 -6.27
C THR A 5 -14.71 -46.38 -6.88
N GLN A 6 -13.47 -45.90 -6.94
CA GLN A 6 -12.34 -46.68 -7.41
C GLN A 6 -11.27 -46.67 -6.32
N PRO A 7 -10.46 -47.73 -6.27
CA PRO A 7 -9.30 -47.71 -5.37
C PRO A 7 -8.28 -46.66 -5.82
N PRO A 8 -7.71 -45.90 -4.88
CA PRO A 8 -6.75 -44.87 -5.28
C PRO A 8 -5.55 -45.46 -6.03
N SER A 9 -5.17 -46.67 -5.68
CA SER A 9 -3.94 -47.28 -6.21
C SER A 9 -4.06 -48.78 -6.41
N VAL A 10 -3.48 -49.26 -7.51
CA VAL A 10 -3.31 -50.67 -7.75
C VAL A 10 -1.86 -50.94 -8.17
N SER A 11 -1.24 -51.97 -7.60
CA SER A 11 0.14 -52.35 -7.92
C SER A 11 0.22 -53.71 -8.59
N VAL A 12 1.10 -53.84 -9.57
CA VAL A 12 1.21 -55.09 -10.34
C VAL A 12 2.61 -55.26 -10.93
N ALA A 13 3.09 -56.50 -10.96
CA ALA A 13 4.38 -56.82 -11.57
C ALA A 13 4.27 -56.95 -13.09
N PRO A 14 5.37 -56.63 -13.81
CA PRO A 14 5.34 -56.78 -15.27
C PRO A 14 4.99 -58.19 -15.71
N GLY A 15 4.07 -58.30 -16.67
CA GLY A 15 3.63 -59.61 -17.15
C GLY A 15 2.47 -60.17 -16.35
N GLN A 16 2.18 -59.55 -15.20
CA GLN A 16 1.08 -59.99 -14.37
C GLN A 16 -0.20 -59.23 -14.69
N THR A 17 -1.28 -59.52 -13.96
CA THR A 17 -2.60 -58.99 -14.31
C THR A 17 -3.12 -57.98 -13.29
N ALA A 18 -3.42 -56.76 -13.74
CA ALA A 18 -3.99 -55.75 -12.87
C ALA A 18 -5.51 -55.72 -12.98
N ARG A 19 -6.20 -55.61 -11.86
CA ARG A 19 -7.65 -55.45 -11.89
C ARG A 19 -8.06 -54.18 -11.13
N ILE A 20 -8.79 -53.32 -11.84
CA ILE A 20 -9.22 -52.05 -11.30
C ILE A 20 -10.74 -51.99 -11.22
N THR A 21 -11.28 -51.74 -10.02
CA THR A 21 -12.72 -51.79 -9.82
C THR A 21 -13.37 -50.43 -9.83
N CYS A 22 -14.67 -50.43 -10.13
CA CYS A 22 -15.47 -49.23 -10.23
C CYS A 22 -16.80 -49.53 -9.60
N GLY A 23 -17.04 -48.96 -8.42
CA GLY A 23 -18.21 -49.35 -7.64
C GLY A 23 -19.37 -48.39 -7.74
N GLY A 24 -20.57 -48.95 -7.80
CA GLY A 24 -21.79 -48.17 -7.85
C GLY A 24 -23.02 -49.05 -7.67
N THR A 25 -24.02 -48.53 -6.96
CA THR A 25 -25.26 -49.28 -6.75
C THR A 25 -25.91 -49.63 -8.09
N ASN A 26 -26.00 -50.93 -8.35
CA ASN A 26 -26.54 -51.46 -9.59
C ASN A 26 -25.88 -50.86 -10.83
N ILE A 27 -24.57 -50.66 -10.75
CA ILE A 27 -23.82 -50.15 -11.89
C ILE A 27 -23.85 -51.18 -13.03
N GLY A 28 -24.01 -52.45 -12.68
CA GLY A 28 -24.14 -53.53 -13.66
C GLY A 28 -25.37 -53.41 -14.55
N ASP A 29 -26.29 -52.51 -14.20
CA ASP A 29 -27.46 -52.24 -15.02
C ASP A 29 -27.19 -51.21 -16.13
N ILE A 30 -26.06 -50.50 -16.05
CA ILE A 30 -25.73 -49.53 -17.09
C ILE A 30 -24.32 -49.75 -17.65
N SER A 31 -24.04 -49.10 -18.78
CA SER A 31 -22.76 -49.28 -19.45
C SER A 31 -21.64 -48.52 -18.76
N VAL A 32 -20.51 -49.18 -18.59
CA VAL A 32 -19.33 -48.54 -18.00
C VAL A 32 -18.21 -48.46 -19.04
N HIS A 33 -17.53 -47.32 -19.08
CA HIS A 33 -16.45 -47.09 -20.01
C HIS A 33 -15.20 -46.68 -19.22
N TRP A 34 -14.02 -46.96 -19.76
CA TRP A 34 -12.76 -46.81 -19.05
C TRP A 34 -11.78 -45.98 -19.87
N TYR A 35 -11.06 -45.08 -19.19
CA TYR A 35 -10.06 -44.23 -19.82
C TYR A 35 -8.70 -44.38 -19.16
N GLN A 36 -7.66 -44.32 -19.98
CA GLN A 36 -6.29 -44.23 -19.48
C GLN A 36 -5.83 -42.79 -19.62
N GLN A 37 -5.19 -42.25 -18.59
CA GLN A 37 -4.64 -40.91 -18.67
C GLN A 37 -3.21 -40.88 -18.16
N ARG A 38 -2.30 -40.58 -19.06
CA ARG A 38 -0.90 -40.39 -18.73
C ARG A 38 -0.67 -38.94 -18.34
N PRO A 39 0.38 -38.68 -17.55
CA PRO A 39 0.69 -37.31 -17.11
C PRO A 39 0.75 -36.32 -18.27
N GLY A 40 0.02 -35.22 -18.14
CA GLY A 40 0.08 -34.15 -19.12
C GLY A 40 -0.73 -34.41 -20.38
N GLN A 41 -1.32 -35.59 -20.46
CA GLN A 41 -2.07 -35.99 -21.64
C GLN A 41 -3.57 -36.05 -21.35
N ALA A 42 -4.36 -35.96 -22.42
CA ALA A 42 -5.79 -36.18 -22.34
C ALA A 42 -6.07 -37.64 -22.05
N PRO A 43 -7.25 -37.95 -21.47
CA PRO A 43 -7.63 -39.35 -21.30
C PRO A 43 -7.89 -40.01 -22.66
N LEU A 44 -7.78 -41.34 -22.68
CA LEU A 44 -7.99 -42.12 -23.88
C LEU A 44 -8.81 -43.33 -23.51
N VAL A 45 -9.95 -43.54 -24.19
CA VAL A 45 -10.82 -44.66 -23.89
C VAL A 45 -10.12 -45.97 -24.25
N VAL A 46 -10.10 -46.92 -23.32
CA VAL A 46 -9.45 -48.19 -23.57
C VAL A 46 -10.44 -49.35 -23.56
N VAL A 47 -11.58 -49.16 -22.91
CA VAL A 47 -12.68 -50.16 -22.89
C VAL A 47 -14.00 -49.39 -22.90
N TYR A 48 -14.99 -49.86 -23.66
CA TYR A 48 -16.27 -49.17 -23.66
C TYR A 48 -17.41 -50.19 -23.70
N ASP A 49 -18.61 -49.75 -23.32
CA ASP A 49 -19.76 -50.65 -23.18
C ASP A 49 -19.42 -51.91 -22.38
N ASP A 50 -18.86 -51.69 -21.18
CA ASP A 50 -18.43 -52.74 -20.23
C ASP A 50 -17.18 -53.52 -20.66
N SER A 51 -17.14 -54.00 -21.90
CA SER A 51 -16.12 -54.99 -22.26
C SER A 51 -15.63 -54.93 -23.69
N ASP A 52 -16.06 -53.94 -24.46
CA ASP A 52 -15.60 -53.86 -25.84
C ASP A 52 -14.36 -52.99 -25.98
N ARG A 53 -13.53 -53.29 -26.98
CA ARG A 53 -12.30 -52.55 -27.17
C ARG A 53 -12.35 -51.63 -28.38
N PRO A 54 -11.99 -50.35 -28.18
CA PRO A 54 -11.82 -49.45 -29.32
C PRO A 54 -10.76 -50.02 -30.25
N SER A 55 -10.90 -49.84 -31.55
CA SER A 55 -9.83 -50.28 -32.46
C SER A 55 -8.56 -49.55 -32.08
N GLY A 56 -7.43 -50.24 -32.16
CA GLY A 56 -6.16 -49.62 -31.80
C GLY A 56 -5.71 -49.94 -30.37
N ILE A 57 -6.63 -50.41 -29.55
CA ILE A 57 -6.31 -50.80 -28.17
C ILE A 57 -5.91 -52.28 -28.12
N PRO A 58 -4.82 -52.59 -27.41
CA PRO A 58 -4.32 -53.98 -27.29
C PRO A 58 -5.32 -54.91 -26.64
N GLU A 59 -5.37 -56.16 -27.07
CA GLU A 59 -6.34 -57.13 -26.55
C GLU A 59 -6.18 -57.41 -25.05
N ARG A 60 -5.04 -57.03 -24.47
CA ARG A 60 -4.83 -57.34 -23.07
C ARG A 60 -5.64 -56.41 -22.16
N PHE A 61 -6.25 -55.38 -22.73
CA PHE A 61 -7.24 -54.56 -22.01
C PHE A 61 -8.63 -55.17 -22.16
N SER A 62 -9.27 -55.54 -21.07
CA SER A 62 -10.63 -56.09 -21.16
C SER A 62 -11.47 -55.57 -20.01
N GLY A 63 -12.77 -55.81 -20.04
CA GLY A 63 -13.61 -55.28 -18.98
C GLY A 63 -14.76 -56.19 -18.69
N SER A 64 -15.32 -56.04 -17.49
CA SER A 64 -16.54 -56.75 -17.13
C SER A 64 -17.39 -55.83 -16.28
N ASN A 65 -18.66 -56.16 -16.13
CA ASN A 65 -19.55 -55.33 -15.34
C ASN A 65 -20.71 -56.16 -14.82
N SER A 66 -20.88 -56.19 -13.51
CA SER A 66 -21.96 -56.98 -12.91
C SER A 66 -22.32 -56.46 -11.52
N GLY A 67 -23.60 -56.57 -11.18
CA GLY A 67 -24.07 -56.18 -9.87
C GLY A 67 -23.71 -54.75 -9.49
N ASN A 68 -22.89 -54.62 -8.46
CA ASN A 68 -22.44 -53.31 -7.99
C ASN A 68 -21.01 -52.95 -8.38
N THR A 69 -20.37 -53.79 -9.19
CA THR A 69 -18.97 -53.59 -9.55
C THR A 69 -18.66 -53.78 -11.05
N ALA A 70 -17.96 -52.81 -11.63
CA ALA A 70 -17.38 -52.95 -12.96
C ALA A 70 -15.88 -53.13 -12.81
N THR A 71 -15.25 -53.87 -13.69
CA THR A 71 -13.81 -54.14 -13.57
C THR A 71 -13.04 -53.99 -14.87
N LEU A 72 -12.02 -53.12 -14.85
CA LEU A 72 -11.03 -53.03 -15.91
C LEU A 72 -9.90 -54.00 -15.63
N THR A 73 -9.64 -54.90 -16.56
CA THR A 73 -8.55 -55.84 -16.42
C THR A 73 -7.45 -55.50 -17.43
N ILE A 74 -6.24 -55.34 -16.93
CA ILE A 74 -5.08 -55.20 -17.79
C ILE A 74 -4.20 -56.43 -17.64
N SER A 75 -4.18 -57.29 -18.65
CA SER A 75 -3.36 -58.50 -18.62
C SER A 75 -1.94 -58.19 -19.09
N ARG A 76 -1.00 -59.07 -18.71
CA ARG A 76 0.38 -58.97 -19.19
C ARG A 76 0.91 -57.54 -19.11
N VAL A 77 0.87 -56.99 -17.90
CA VAL A 77 1.15 -55.57 -17.66
C VAL A 77 2.58 -55.22 -18.09
N GLU A 78 2.72 -54.05 -18.71
CA GLU A 78 4.01 -53.52 -19.11
C GLU A 78 4.30 -52.25 -18.31
N ALA A 79 5.57 -51.84 -18.31
CA ALA A 79 5.94 -50.63 -17.58
C ALA A 79 5.17 -49.44 -18.12
N GLY A 80 4.86 -49.45 -19.41
CA GLY A 80 4.16 -48.33 -20.02
C GLY A 80 2.68 -48.21 -19.64
N ASP A 81 2.18 -49.20 -18.90
CA ASP A 81 0.79 -49.16 -18.42
C ASP A 81 0.61 -48.30 -17.18
N GLU A 82 1.70 -47.84 -16.58
CA GLU A 82 1.63 -46.92 -15.45
C GLU A 82 0.92 -45.67 -15.92
N ALA A 83 -0.15 -45.29 -15.23
CA ALA A 83 -1.04 -44.20 -15.63
C ALA A 83 -2.21 -44.14 -14.66
N ASP A 84 -3.10 -43.17 -14.87
CA ASP A 84 -4.33 -43.06 -14.11
C ASP A 84 -5.45 -43.69 -14.94
N TYR A 85 -6.41 -44.33 -14.30
CA TYR A 85 -7.50 -44.97 -15.04
C TYR A 85 -8.82 -44.54 -14.43
N TYR A 86 -9.77 -44.17 -15.28
CA TYR A 86 -11.04 -43.66 -14.80
C TYR A 86 -12.19 -44.44 -15.39
N CYS A 87 -13.17 -44.83 -14.57
CA CYS A 87 -14.41 -45.34 -15.15
C CYS A 87 -15.38 -44.19 -15.38
N GLN A 88 -16.43 -44.46 -16.15
CA GLN A 88 -17.34 -43.41 -16.58
C GLN A 88 -18.68 -44.00 -16.97
N VAL A 89 -19.76 -43.34 -16.55
CA VAL A 89 -21.11 -43.68 -17.01
C VAL A 89 -21.86 -42.45 -17.47
N TRP A 90 -23.01 -42.67 -18.12
CA TRP A 90 -24.01 -41.62 -18.28
C TRP A 90 -25.14 -41.91 -17.30
N ASP A 91 -25.44 -40.95 -16.45
CA ASP A 91 -26.52 -41.07 -15.46
C ASP A 91 -27.76 -40.35 -16.00
N ASP A 92 -28.75 -41.12 -16.44
CA ASP A 92 -29.93 -40.54 -17.07
C ASP A 92 -30.96 -40.08 -16.05
N SER A 93 -30.73 -40.36 -14.78
CA SER A 93 -31.63 -39.87 -13.74
C SER A 93 -31.32 -38.42 -13.39
N ILE A 94 -30.10 -37.97 -13.70
CA ILE A 94 -29.72 -36.58 -13.48
C ILE A 94 -29.21 -35.91 -14.75
N ASN A 95 -29.15 -36.70 -15.82
CA ASN A 95 -28.65 -36.26 -17.12
C ASN A 95 -27.26 -35.67 -16.98
N ALA A 96 -26.32 -36.51 -16.56
CA ALA A 96 -24.93 -36.06 -16.41
C ALA A 96 -23.96 -37.22 -16.59
N TYR A 97 -22.82 -36.94 -17.22
CA TYR A 97 -21.72 -37.88 -17.25
C TYR A 97 -21.09 -37.94 -15.87
N VAL A 98 -20.78 -39.14 -15.39
CA VAL A 98 -20.12 -39.27 -14.10
C VAL A 98 -18.82 -40.05 -14.25
N PHE A 99 -17.74 -39.51 -13.69
CA PHE A 99 -16.46 -40.21 -13.68
C PHE A 99 -16.23 -40.81 -12.31
N GLY A 100 -15.48 -41.91 -12.26
CA GLY A 100 -14.98 -42.43 -11.01
C GLY A 100 -13.86 -41.55 -10.48
N THR A 101 -13.38 -41.87 -9.29
CA THR A 101 -12.43 -41.01 -8.62
C THR A 101 -11.01 -41.26 -9.10
N GLY A 102 -10.83 -42.28 -9.94
CA GLY A 102 -9.53 -42.56 -10.55
C GLY A 102 -8.65 -43.53 -9.79
N THR A 103 -7.92 -44.36 -10.52
CA THR A 103 -6.97 -45.30 -9.93
C THR A 103 -5.59 -45.12 -10.55
N LYS A 104 -4.57 -44.90 -9.72
CA LYS A 104 -3.21 -44.88 -10.25
C LYS A 104 -2.64 -46.30 -10.28
N VAL A 105 -2.20 -46.75 -11.45
CA VAL A 105 -1.52 -48.03 -11.54
C VAL A 105 0.00 -47.84 -11.38
N THR A 106 0.52 -48.46 -10.33
CA THR A 106 1.94 -48.54 -10.04
C THR A 106 2.49 -49.89 -10.46
N VAL A 107 3.61 -49.89 -11.19
CA VAL A 107 4.27 -51.13 -11.57
C VAL A 107 5.29 -51.53 -10.51
N LEU A 108 5.23 -52.80 -10.10
CA LEU A 108 6.16 -53.31 -9.11
C LEU A 108 7.49 -53.68 -9.74
N ARG A 109 8.57 -53.42 -9.02
CA ARG A 109 9.88 -53.83 -9.47
C ARG A 109 10.76 -54.03 -8.25
N THR A 110 11.99 -54.45 -8.47
CA THR A 110 12.94 -54.63 -7.38
C THR A 110 13.35 -53.28 -6.77
N VAL A 111 13.75 -53.31 -5.51
CA VAL A 111 14.30 -52.15 -4.83
C VAL A 111 15.50 -51.56 -5.59
N ALA A 112 15.54 -50.25 -5.73
CA ALA A 112 16.68 -49.59 -6.37
C ALA A 112 17.11 -48.41 -5.54
N ALA A 113 18.38 -48.40 -5.13
CA ALA A 113 18.92 -47.29 -4.34
C ALA A 113 19.08 -46.03 -5.15
N PRO A 114 18.87 -44.86 -4.52
CA PRO A 114 19.02 -43.58 -5.23
C PRO A 114 20.46 -43.19 -5.44
N SER A 115 20.73 -42.57 -6.57
CA SER A 115 22.00 -41.90 -6.78
C SER A 115 21.83 -40.45 -6.33
N VAL A 116 22.56 -40.02 -5.32
CA VAL A 116 22.30 -38.71 -4.69
C VAL A 116 23.31 -37.65 -5.18
N PHE A 117 22.84 -36.44 -5.49
CA PHE A 117 23.69 -35.34 -5.94
C PHE A 117 23.31 -34.08 -5.21
N ILE A 118 24.29 -33.27 -4.80
CA ILE A 118 23.95 -31.99 -4.21
C ILE A 118 24.46 -30.82 -5.07
N PHE A 119 23.66 -29.76 -5.14
CA PHE A 119 23.95 -28.60 -5.95
C PHE A 119 23.94 -27.36 -5.08
N PRO A 120 25.10 -26.70 -4.97
CA PRO A 120 25.12 -25.39 -4.30
C PRO A 120 24.34 -24.32 -5.10
N PRO A 121 23.99 -23.20 -4.46
CA PRO A 121 23.33 -22.17 -5.28
C PRO A 121 24.29 -21.59 -6.30
N SER A 122 23.74 -21.13 -7.42
CA SER A 122 24.54 -20.45 -8.44
C SER A 122 24.95 -19.05 -7.97
N ASP A 123 26.04 -18.54 -8.54
CA ASP A 123 26.43 -17.15 -8.26
C ASP A 123 25.35 -16.15 -8.70
N SER A 124 24.75 -16.39 -9.87
CA SER A 124 23.68 -15.52 -10.36
C SER A 124 22.49 -15.46 -9.38
N GLN A 125 22.15 -16.58 -8.73
CA GLN A 125 21.08 -16.51 -7.74
C GLN A 125 21.51 -15.73 -6.50
N LEU A 126 22.74 -15.96 -6.05
CA LEU A 126 23.23 -15.27 -4.87
C LEU A 126 23.18 -13.76 -5.10
N LYS A 127 23.48 -13.33 -6.32
CA LYS A 127 23.42 -11.90 -6.64
C LYS A 127 22.01 -11.34 -6.47
N SER A 128 21.00 -12.19 -6.64
CA SER A 128 19.61 -11.78 -6.46
C SER A 128 19.20 -11.78 -4.99
N GLY A 129 20.05 -12.33 -4.13
CA GLY A 129 19.83 -12.26 -2.70
C GLY A 129 19.22 -13.50 -2.06
N THR A 130 19.15 -14.58 -2.84
CA THR A 130 18.58 -15.83 -2.36
C THR A 130 19.52 -16.99 -2.68
N ALA A 131 19.48 -18.03 -1.85
CA ALA A 131 20.25 -19.23 -2.08
C ALA A 131 19.34 -20.46 -2.03
N SER A 132 19.21 -21.14 -3.16
CA SER A 132 18.55 -22.44 -3.18
C SER A 132 19.62 -23.53 -3.27
N VAL A 133 19.56 -24.48 -2.35
CA VAL A 133 20.47 -25.62 -2.35
C VAL A 133 19.64 -26.82 -2.77
N VAL A 134 20.10 -27.56 -3.78
CA VAL A 134 19.25 -28.64 -4.27
C VAL A 134 19.87 -30.01 -4.04
N CYS A 135 19.09 -30.92 -3.47
CA CYS A 135 19.47 -32.31 -3.35
C CYS A 135 18.64 -33.15 -4.31
N LEU A 136 19.30 -33.95 -5.13
CA LEU A 136 18.65 -34.81 -6.11
C LEU A 136 18.85 -36.26 -5.73
N LEU A 137 17.73 -36.99 -5.61
CA LEU A 137 17.74 -38.43 -5.47
C LEU A 137 17.31 -39.01 -6.80
N ASN A 138 18.21 -39.70 -7.47
CA ASN A 138 17.91 -40.16 -8.83
C ASN A 138 17.65 -41.65 -8.94
N ASN A 139 16.58 -41.97 -9.69
CA ASN A 139 16.25 -43.34 -10.11
C ASN A 139 16.19 -44.37 -8.99
N PHE A 140 15.23 -44.21 -8.09
CA PHE A 140 15.12 -45.15 -6.98
C PHE A 140 13.76 -45.82 -6.96
N TYR A 141 13.62 -46.81 -6.08
CA TYR A 141 12.38 -47.54 -5.90
C TYR A 141 12.46 -48.32 -4.59
N PRO A 142 11.41 -48.28 -3.77
CA PRO A 142 10.14 -47.60 -4.00
C PRO A 142 10.17 -46.10 -3.73
N ARG A 143 9.03 -45.45 -3.95
CA ARG A 143 8.89 -43.99 -3.90
C ARG A 143 9.27 -43.37 -2.55
N GLU A 144 9.06 -44.12 -1.48
CA GLU A 144 9.29 -43.58 -0.14
C GLU A 144 10.76 -43.30 0.14
N ALA A 145 11.06 -42.08 0.60
CA ALA A 145 12.43 -41.72 0.91
C ALA A 145 12.42 -40.62 1.93
N LYS A 146 13.49 -40.51 2.71
CA LYS A 146 13.60 -39.41 3.66
C LYS A 146 14.84 -38.58 3.35
N VAL A 147 14.65 -37.27 3.30
CA VAL A 147 15.74 -36.33 3.06
C VAL A 147 15.78 -35.34 4.21
N GLN A 148 16.91 -35.28 4.91
CA GLN A 148 17.12 -34.30 5.96
C GLN A 148 18.23 -33.33 5.59
N TRP A 149 18.01 -32.04 5.82
CA TRP A 149 19.04 -31.06 5.56
C TRP A 149 19.79 -30.70 6.84
N LYS A 150 21.12 -30.63 6.72
CA LYS A 150 21.97 -30.19 7.83
C LYS A 150 22.91 -29.09 7.38
N VAL A 151 22.90 -27.98 8.10
CA VAL A 151 23.79 -26.86 7.79
C VAL A 151 24.75 -26.67 8.98
N ASP A 152 26.03 -26.88 8.75
CA ASP A 152 27.04 -26.99 9.82
C ASP A 152 26.53 -27.91 10.95
N ASN A 153 26.04 -29.08 10.53
CA ASN A 153 25.53 -30.13 11.41
C ASN A 153 24.25 -29.81 12.18
N ALA A 154 23.67 -28.64 11.92
CA ALA A 154 22.39 -28.28 12.53
C ALA A 154 21.24 -28.72 11.64
N LEU A 155 20.34 -29.52 12.17
CA LEU A 155 19.19 -30.02 11.42
C LEU A 155 18.19 -28.92 11.05
N GLN A 156 17.85 -28.83 9.76
CA GLN A 156 16.94 -27.82 9.27
C GLN A 156 15.50 -28.32 9.27
N SER A 157 14.55 -27.43 9.55
CA SER A 157 13.14 -27.77 9.43
C SER A 157 12.36 -26.56 8.96
N GLY A 158 11.37 -26.78 8.10
CA GLY A 158 10.49 -25.72 7.66
C GLY A 158 10.97 -24.90 6.48
N ASN A 159 12.23 -25.09 6.06
CA ASN A 159 12.77 -24.29 4.97
C ASN A 159 13.17 -25.09 3.73
N SER A 160 12.55 -26.25 3.53
CA SER A 160 12.78 -27.02 2.32
C SER A 160 11.47 -27.51 1.71
N GLN A 161 11.48 -27.77 0.40
CA GLN A 161 10.31 -28.36 -0.26
C GLN A 161 10.76 -29.52 -1.14
N GLU A 162 9.94 -30.57 -1.23
CA GLU A 162 10.25 -31.72 -2.07
C GLU A 162 9.33 -31.82 -3.27
N SER A 163 9.86 -32.34 -4.36
CA SER A 163 9.03 -32.68 -5.52
C SER A 163 9.44 -34.05 -6.02
N VAL A 164 8.46 -34.86 -6.44
CA VAL A 164 8.73 -36.23 -6.87
C VAL A 164 8.14 -36.45 -8.25
N THR A 165 8.88 -37.16 -9.09
CA THR A 165 8.39 -37.46 -10.41
C THR A 165 7.32 -38.54 -10.37
N GLU A 166 6.55 -38.62 -11.44
CA GLU A 166 5.68 -39.77 -11.65
C GLU A 166 6.56 -40.97 -11.91
N GLN A 167 6.06 -42.17 -11.68
CA GLN A 167 6.84 -43.37 -11.93
C GLN A 167 7.27 -43.44 -13.39
N ASP A 168 8.54 -43.78 -13.63
CA ASP A 168 9.07 -43.74 -14.99
C ASP A 168 8.39 -44.78 -15.87
N SER A 169 7.99 -44.37 -17.07
CA SER A 169 7.19 -45.23 -17.94
C SER A 169 8.01 -46.37 -18.54
N LYS A 170 9.33 -46.32 -18.39
CA LYS A 170 10.19 -47.35 -18.96
C LYS A 170 10.93 -48.19 -17.91
N ASP A 171 11.44 -47.59 -16.84
CA ASP A 171 12.20 -48.36 -15.86
C ASP A 171 11.52 -48.43 -14.49
N SER A 172 10.35 -47.77 -14.36
CA SER A 172 9.50 -47.83 -13.17
C SER A 172 10.13 -47.26 -11.90
N THR A 173 11.16 -46.42 -12.04
CA THR A 173 11.74 -45.76 -10.88
C THR A 173 11.15 -44.37 -10.64
N TYR A 174 11.59 -43.76 -9.56
CA TYR A 174 11.22 -42.39 -9.23
C TYR A 174 12.48 -41.57 -9.10
N SER A 175 12.33 -40.26 -9.25
CA SER A 175 13.38 -39.33 -8.84
C SER A 175 12.72 -38.25 -7.98
N LEU A 176 13.54 -37.60 -7.16
CA LEU A 176 13.02 -36.68 -6.16
C LEU A 176 13.99 -35.54 -5.96
N SER A 177 13.47 -34.33 -5.83
CA SER A 177 14.30 -33.20 -5.47
C SER A 177 13.87 -32.62 -4.14
N SER A 178 14.84 -32.23 -3.34
CA SER A 178 14.58 -31.45 -2.14
C SER A 178 15.34 -30.15 -2.27
N THR A 179 14.64 -29.03 -2.07
CA THR A 179 15.25 -27.73 -2.24
C THR A 179 15.19 -26.99 -0.92
N LEU A 180 16.37 -26.65 -0.41
CA LEU A 180 16.54 -25.85 0.79
C LEU A 180 16.66 -24.38 0.37
N THR A 181 15.85 -23.49 0.92
CA THR A 181 15.95 -22.09 0.51
C THR A 181 16.30 -21.18 1.69
N LEU A 182 17.39 -20.43 1.53
CA LEU A 182 17.88 -19.48 2.53
C LEU A 182 18.03 -18.10 1.88
N SER A 183 18.05 -17.04 2.68
CA SER A 183 18.49 -15.76 2.14
C SER A 183 19.99 -15.86 1.88
N LYS A 184 20.50 -15.06 0.94
CA LYS A 184 21.94 -15.03 0.74
C LYS A 184 22.67 -14.65 2.05
N ALA A 185 22.09 -13.69 2.79
CA ALA A 185 22.65 -13.24 4.05
C ALA A 185 22.82 -14.40 5.05
N ASP A 186 21.81 -15.26 5.13
CA ASP A 186 21.88 -16.42 6.00
C ASP A 186 22.85 -17.47 5.45
N TYR A 187 22.78 -17.71 4.15
CA TYR A 187 23.63 -18.68 3.48
C TYR A 187 25.11 -18.46 3.74
N GLU A 188 25.59 -17.22 3.64
CA GLU A 188 27.02 -16.94 3.78
C GLU A 188 27.53 -17.01 5.22
N LYS A 189 26.63 -17.27 6.16
CA LYS A 189 27.00 -17.44 7.57
C LYS A 189 27.47 -18.85 7.90
N HIS A 190 27.33 -19.77 6.94
CA HIS A 190 27.60 -21.18 7.23
C HIS A 190 28.52 -21.82 6.22
N LYS A 191 29.22 -22.86 6.65
CA LYS A 191 30.24 -23.50 5.82
C LYS A 191 29.72 -24.75 5.09
N VAL A 192 29.24 -25.71 5.86
CA VAL A 192 28.94 -27.04 5.34
C VAL A 192 27.44 -27.22 5.10
N TYR A 193 27.10 -27.58 3.87
CA TYR A 193 25.72 -27.85 3.52
C TYR A 193 25.60 -29.32 3.14
N ALA A 194 24.65 -30.01 3.78
CA ALA A 194 24.55 -31.46 3.63
C ALA A 194 23.11 -31.98 3.50
N CYS A 195 22.95 -32.91 2.56
CA CYS A 195 21.71 -33.64 2.31
C CYS A 195 21.91 -35.08 2.81
N GLU A 196 21.12 -35.51 3.77
CA GLU A 196 21.17 -36.88 4.29
C GLU A 196 19.95 -37.68 3.85
N VAL A 197 20.20 -38.76 3.12
CA VAL A 197 19.14 -39.53 2.47
C VAL A 197 19.00 -40.94 3.07
N THR A 198 17.77 -41.27 3.45
CA THR A 198 17.38 -42.59 3.95
C THR A 198 16.47 -43.25 2.93
N HIS A 199 16.77 -44.51 2.58
CA HIS A 199 15.96 -45.25 1.62
C HIS A 199 16.18 -46.75 1.82
N GLN A 200 15.16 -47.52 1.48
CA GLN A 200 15.21 -48.99 1.65
C GLN A 200 16.37 -49.65 0.92
N GLY A 201 16.81 -49.05 -0.19
CA GLY A 201 17.89 -49.61 -0.97
C GLY A 201 19.29 -49.30 -0.46
N LEU A 202 19.36 -48.49 0.59
CA LEU A 202 20.62 -48.09 1.21
C LEU A 202 20.84 -48.80 2.55
N SER A 203 22.04 -49.33 2.75
CA SER A 203 22.40 -50.01 3.99
C SER A 203 22.33 -49.10 5.19
N SER A 204 22.74 -47.85 4.99
CA SER A 204 22.68 -46.82 6.00
C SER A 204 22.52 -45.49 5.27
N PRO A 205 22.07 -44.44 5.96
CA PRO A 205 21.88 -43.14 5.29
C PRO A 205 23.11 -42.66 4.51
N VAL A 206 22.84 -42.09 3.34
CA VAL A 206 23.90 -41.54 2.51
C VAL A 206 23.91 -40.03 2.65
N THR A 207 25.08 -39.44 2.86
CA THR A 207 25.17 -37.98 2.96
C THR A 207 25.97 -37.40 1.81
N LYS A 208 25.40 -36.40 1.15
CA LYS A 208 26.12 -35.64 0.14
C LYS A 208 26.25 -34.22 0.70
N SER A 209 27.45 -33.66 0.64
CA SER A 209 27.68 -32.34 1.23
C SER A 209 28.71 -31.53 0.45
N PHE A 210 28.73 -30.23 0.69
CA PHE A 210 29.82 -29.41 0.17
C PHE A 210 30.24 -28.38 1.22
N ASN A 211 31.50 -27.96 1.12
CA ASN A 211 32.01 -26.83 1.87
C ASN A 211 31.95 -25.62 0.98
N ARG A 212 31.43 -24.53 1.53
CA ARG A 212 31.20 -23.34 0.72
C ARG A 212 32.54 -22.84 0.18
N GLY A 213 32.58 -22.59 -1.13
CA GLY A 213 33.82 -22.29 -1.81
C GLY A 213 34.46 -23.56 -2.35
N GLU B 1 -6.33 -35.31 -40.42
CA GLU B 1 -6.11 -35.39 -38.99
C GLU B 1 -7.35 -35.01 -38.17
N VAL B 2 -7.80 -35.94 -37.35
CA VAL B 2 -8.97 -35.72 -36.50
C VAL B 2 -8.52 -35.05 -35.22
N GLN B 3 -9.04 -33.85 -34.96
CA GLN B 3 -8.49 -33.00 -33.93
C GLN B 3 -9.52 -32.08 -33.25
N LEU B 4 -9.36 -31.88 -31.94
CA LEU B 4 -10.00 -30.76 -31.21
C LEU B 4 -8.92 -29.85 -30.61
N VAL B 5 -9.10 -28.55 -30.76
CA VAL B 5 -8.13 -27.60 -30.23
C VAL B 5 -8.79 -26.55 -29.33
N GLU B 6 -8.48 -26.57 -28.05
CA GLU B 6 -9.08 -25.60 -27.12
C GLU B 6 -8.19 -24.36 -27.00
N THR B 7 -8.82 -23.18 -26.91
CA THR B 7 -8.10 -21.93 -26.70
C THR B 7 -8.88 -21.05 -25.74
N GLY B 8 -8.23 -20.03 -25.20
CA GLY B 8 -8.91 -19.06 -24.37
C GLY B 8 -8.55 -19.11 -22.90
N GLY B 9 -7.82 -20.16 -22.51
CA GLY B 9 -7.41 -20.30 -21.12
C GLY B 9 -6.42 -19.22 -20.71
N GLY B 10 -6.28 -19.01 -19.40
CA GLY B 10 -5.38 -18.01 -18.84
C GLY B 10 -5.72 -17.71 -17.40
N VAL B 11 -5.25 -16.55 -16.90
CA VAL B 11 -5.54 -16.14 -15.53
C VAL B 11 -6.75 -15.23 -15.56
N VAL B 12 -7.69 -15.48 -14.66
CA VAL B 12 -8.87 -14.65 -14.57
C VAL B 12 -9.12 -14.31 -13.11
N GLN B 13 -9.34 -13.03 -12.83
CA GLN B 13 -9.62 -12.57 -11.48
C GLN B 13 -10.88 -13.22 -10.96
N PRO B 14 -10.91 -13.57 -9.67
CA PRO B 14 -12.14 -14.11 -9.06
C PRO B 14 -13.33 -13.20 -9.31
N GLY B 15 -14.45 -13.79 -9.71
CA GLY B 15 -15.67 -13.05 -9.97
C GLY B 15 -15.84 -12.59 -11.41
N ARG B 16 -14.78 -12.70 -12.22
CA ARG B 16 -14.83 -12.24 -13.60
C ARG B 16 -15.22 -13.35 -14.57
N SER B 17 -15.26 -13.01 -15.86
CA SER B 17 -15.74 -13.91 -16.90
C SER B 17 -14.60 -14.34 -17.82
N LEU B 18 -14.81 -15.44 -18.54
CA LEU B 18 -13.85 -15.94 -19.51
C LEU B 18 -14.59 -16.83 -20.51
N ARG B 19 -14.29 -16.69 -21.80
CA ARG B 19 -14.88 -17.58 -22.80
C ARG B 19 -13.84 -18.50 -23.43
N LEU B 20 -14.11 -19.81 -23.39
CA LEU B 20 -13.25 -20.81 -24.02
C LEU B 20 -13.80 -21.17 -25.39
N SER B 21 -12.89 -21.50 -26.30
CA SER B 21 -13.28 -21.97 -27.62
C SER B 21 -12.61 -23.30 -27.91
N CYS B 22 -13.25 -24.10 -28.76
CA CYS B 22 -12.74 -25.40 -29.18
C CYS B 22 -13.00 -25.52 -30.67
N THR B 23 -11.94 -25.68 -31.45
CA THR B 23 -12.07 -25.79 -32.89
C THR B 23 -11.84 -27.23 -33.32
N ALA B 24 -12.79 -27.78 -34.05
CA ALA B 24 -12.69 -29.15 -34.51
C ALA B 24 -12.19 -29.18 -35.94
N SER B 25 -11.48 -30.26 -36.29
CA SER B 25 -11.10 -30.48 -37.68
C SER B 25 -11.02 -31.97 -37.96
N GLY B 26 -11.26 -32.35 -39.21
CA GLY B 26 -11.07 -33.73 -39.63
C GLY B 26 -12.32 -34.58 -39.56
N PHE B 27 -13.43 -34.02 -39.07
CA PHE B 27 -14.69 -34.77 -39.04
C PHE B 27 -15.90 -33.86 -39.18
N THR B 28 -17.07 -34.47 -39.30
CA THR B 28 -18.31 -33.72 -39.49
C THR B 28 -18.87 -33.26 -38.15
N PHE B 29 -18.47 -32.06 -37.73
CA PHE B 29 -18.76 -31.51 -36.41
C PHE B 29 -20.24 -31.49 -36.08
N ARG B 30 -21.08 -31.17 -37.07
CA ARG B 30 -22.51 -31.03 -36.83
C ARG B 30 -23.19 -32.37 -36.56
N ASP B 31 -22.47 -33.47 -36.68
CA ASP B 31 -23.07 -34.78 -36.43
C ASP B 31 -22.94 -35.25 -34.99
N TYR B 32 -22.26 -34.47 -34.14
CA TYR B 32 -21.90 -34.96 -32.82
C TYR B 32 -22.37 -34.10 -31.67
N TRP B 33 -22.82 -34.75 -30.60
CA TRP B 33 -22.89 -34.10 -29.30
C TRP B 33 -21.47 -33.77 -28.86
N MET B 34 -21.29 -32.60 -28.24
CA MET B 34 -19.95 -32.20 -27.78
C MET B 34 -19.98 -31.80 -26.32
N SER B 35 -18.91 -32.13 -25.58
CA SER B 35 -18.81 -31.83 -24.16
C SER B 35 -17.62 -30.97 -23.83
N TRP B 36 -17.75 -30.30 -22.68
CA TRP B 36 -16.60 -29.81 -21.93
C TRP B 36 -16.47 -30.67 -20.68
N VAL B 37 -15.22 -31.07 -20.43
CA VAL B 37 -14.80 -31.85 -19.27
C VAL B 37 -13.64 -31.12 -18.61
N ARG B 38 -13.59 -31.04 -17.28
CA ARG B 38 -12.47 -30.31 -16.68
C ARG B 38 -11.73 -31.16 -15.68
N GLN B 39 -10.51 -30.73 -15.36
CA GLN B 39 -9.68 -31.41 -14.39
C GLN B 39 -8.84 -30.41 -13.58
N ALA B 40 -9.19 -30.24 -12.30
CA ALA B 40 -8.43 -29.39 -11.40
C ALA B 40 -7.04 -30.00 -11.23
N PRO B 41 -6.01 -29.15 -11.00
CA PRO B 41 -4.65 -29.70 -10.89
C PRO B 41 -4.55 -30.77 -9.79
N GLY B 42 -4.03 -31.94 -10.15
CA GLY B 42 -3.88 -33.04 -9.22
C GLY B 42 -5.13 -33.82 -8.86
N LYS B 43 -6.26 -33.50 -9.49
CA LYS B 43 -7.53 -34.15 -9.15
C LYS B 43 -8.16 -34.88 -10.34
N GLY B 44 -9.37 -35.39 -10.13
CA GLY B 44 -10.01 -36.26 -11.10
C GLY B 44 -10.74 -35.53 -12.21
N LEU B 45 -11.19 -36.31 -13.19
CA LEU B 45 -11.99 -35.78 -14.29
C LEU B 45 -13.38 -35.40 -13.80
N GLU B 46 -13.86 -34.25 -14.26
CA GLU B 46 -15.20 -33.78 -13.95
C GLU B 46 -15.89 -33.27 -15.23
N TRP B 47 -16.93 -33.96 -15.66
CA TRP B 47 -17.73 -33.47 -16.79
C TRP B 47 -18.42 -32.18 -16.38
N VAL B 48 -18.51 -31.23 -17.32
CA VAL B 48 -19.03 -29.91 -17.04
C VAL B 48 -20.34 -29.66 -17.77
N ALA B 49 -20.31 -29.88 -19.08
CA ALA B 49 -21.50 -29.51 -19.86
C ALA B 49 -21.51 -30.11 -21.24
N ASP B 50 -22.68 -30.28 -21.86
CA ASP B 50 -22.68 -30.71 -23.24
C ASP B 50 -23.85 -30.18 -24.03
N ILE B 51 -23.76 -30.33 -25.34
CA ILE B 51 -24.74 -29.74 -26.25
C ILE B 51 -24.92 -30.66 -27.45
N ASN B 52 -26.18 -30.81 -27.88
CA ASN B 52 -26.49 -31.72 -28.98
C ASN B 52 -26.21 -31.03 -30.32
N PRO B 53 -26.25 -31.78 -31.44
CA PRO B 53 -25.91 -31.23 -32.76
C PRO B 53 -26.58 -29.92 -33.17
N ASP B 54 -27.90 -29.80 -32.99
CA ASP B 54 -28.59 -28.59 -33.44
C ASP B 54 -28.70 -27.54 -32.33
N GLY B 55 -28.10 -27.85 -31.18
CA GLY B 55 -27.99 -26.90 -30.09
C GLY B 55 -29.28 -26.66 -29.34
N ILE B 56 -30.26 -27.54 -29.50
CA ILE B 56 -31.55 -27.34 -28.83
C ILE B 56 -31.49 -27.85 -27.38
N THR B 57 -30.60 -28.81 -27.14
CA THR B 57 -30.49 -29.45 -25.84
C THR B 57 -29.10 -29.23 -25.22
N ARG B 58 -29.06 -28.63 -24.04
CA ARG B 58 -27.81 -28.45 -23.32
C ARG B 58 -27.97 -29.01 -21.92
N TYR B 59 -26.93 -29.64 -21.41
CA TYR B 59 -26.93 -30.14 -20.05
C TYR B 59 -25.72 -29.59 -19.31
N TYR B 60 -25.88 -29.35 -18.01
CA TYR B 60 -24.81 -28.83 -17.14
C TYR B 60 -24.76 -29.58 -15.81
N ILE B 61 -23.60 -29.59 -15.17
CA ILE B 61 -23.55 -30.03 -13.77
C ILE B 61 -24.04 -28.91 -12.86
N ASP B 62 -24.61 -29.27 -11.71
CA ASP B 62 -25.18 -28.28 -10.79
C ASP B 62 -24.20 -27.17 -10.44
N ALA B 63 -22.93 -27.52 -10.27
CA ALA B 63 -21.91 -26.56 -9.83
C ALA B 63 -21.73 -25.38 -10.79
N VAL B 64 -22.11 -25.53 -12.05
CA VAL B 64 -21.86 -24.47 -13.03
C VAL B 64 -23.14 -23.91 -13.64
N LYS B 65 -24.28 -24.44 -13.22
CA LYS B 65 -25.58 -24.01 -13.71
C LYS B 65 -25.75 -22.49 -13.67
N GLY B 66 -26.16 -21.90 -14.78
CA GLY B 66 -26.37 -20.45 -14.85
C GLY B 66 -25.08 -19.69 -15.13
N ARG B 67 -24.08 -19.92 -14.28
CA ARG B 67 -22.76 -19.32 -14.45
C ARG B 67 -22.13 -19.67 -15.78
N PHE B 68 -22.26 -20.93 -16.18
CA PHE B 68 -21.66 -21.40 -17.43
C PHE B 68 -22.73 -21.54 -18.51
N THR B 69 -22.36 -21.17 -19.73
CA THR B 69 -23.20 -21.37 -20.91
C THR B 69 -22.41 -22.06 -22.01
N ILE B 70 -22.88 -23.21 -22.46
CA ILE B 70 -22.22 -23.89 -23.56
C ILE B 70 -22.96 -23.53 -24.86
N SER B 71 -22.20 -23.26 -25.91
CA SER B 71 -22.81 -22.97 -27.22
C SER B 71 -21.99 -23.60 -28.34
N ARG B 72 -22.51 -23.59 -29.56
CA ARG B 72 -21.77 -24.13 -30.68
C ARG B 72 -22.09 -23.38 -31.98
N ASP B 73 -21.12 -23.38 -32.88
CA ASP B 73 -21.27 -22.82 -34.23
C ASP B 73 -20.81 -23.88 -35.22
N ASN B 74 -21.77 -24.62 -35.76
CA ASN B 74 -21.49 -25.71 -36.69
C ASN B 74 -20.78 -25.24 -37.96
N ALA B 75 -21.15 -24.05 -38.44
CA ALA B 75 -20.50 -23.45 -39.59
C ALA B 75 -18.99 -23.26 -39.36
N LYS B 76 -18.62 -22.87 -38.15
CA LYS B 76 -17.21 -22.70 -37.81
C LYS B 76 -16.60 -23.95 -37.16
N SER B 77 -17.36 -25.05 -37.13
CA SER B 77 -16.93 -26.29 -36.48
C SER B 77 -16.38 -25.99 -35.08
N SER B 78 -17.12 -25.18 -34.34
CA SER B 78 -16.61 -24.69 -33.06
C SER B 78 -17.57 -24.89 -31.90
N LEU B 79 -16.99 -25.14 -30.74
CA LEU B 79 -17.71 -25.26 -29.48
C LEU B 79 -17.22 -24.14 -28.56
N TYR B 80 -18.10 -23.60 -27.71
CA TYR B 80 -17.72 -22.51 -26.83
C TYR B 80 -18.23 -22.76 -25.41
N LEU B 81 -17.48 -22.25 -24.44
CA LEU B 81 -17.92 -22.26 -23.05
C LEU B 81 -17.75 -20.88 -22.40
N GLN B 82 -18.87 -20.20 -22.19
CA GLN B 82 -18.87 -18.92 -21.49
C GLN B 82 -18.93 -19.18 -19.99
N MET B 83 -17.94 -18.68 -19.26
CA MET B 83 -17.83 -18.94 -17.83
C MET B 83 -17.86 -17.62 -17.08
N ASN B 84 -18.96 -17.39 -16.35
CA ASN B 84 -19.13 -16.18 -15.56
C ASN B 84 -18.94 -16.46 -14.07
N SER B 85 -18.73 -15.41 -13.28
CA SER B 85 -18.59 -15.54 -11.84
C SER B 85 -17.63 -16.65 -11.41
N LEU B 86 -16.41 -16.61 -11.94
CA LEU B 86 -15.46 -17.68 -11.69
C LEU B 86 -14.91 -17.67 -10.27
N GLY B 87 -14.74 -18.87 -9.71
CA GLY B 87 -14.19 -19.05 -8.38
C GLY B 87 -12.98 -19.97 -8.43
N ALA B 88 -12.29 -20.12 -7.30
CA ALA B 88 -11.11 -20.98 -7.24
C ALA B 88 -11.46 -22.44 -7.51
N GLU B 89 -12.71 -22.81 -7.27
CA GLU B 89 -13.17 -24.17 -7.55
C GLU B 89 -13.30 -24.42 -9.05
N ASP B 90 -13.17 -23.36 -9.84
CA ASP B 90 -13.26 -23.50 -11.29
C ASP B 90 -11.89 -23.63 -11.95
N THR B 91 -10.83 -23.47 -11.17
CA THR B 91 -9.46 -23.61 -11.67
C THR B 91 -9.26 -25.05 -12.17
N ALA B 92 -8.90 -25.19 -13.44
CA ALA B 92 -8.78 -26.53 -14.03
C ALA B 92 -8.27 -26.44 -15.44
N VAL B 93 -7.74 -27.57 -15.93
CA VAL B 93 -7.58 -27.77 -17.36
C VAL B 93 -8.95 -28.10 -17.94
N TYR B 94 -9.36 -27.38 -18.97
CA TYR B 94 -10.63 -27.60 -19.62
C TYR B 94 -10.42 -28.27 -20.96
N TYR B 95 -11.01 -29.46 -21.11
CA TYR B 95 -10.97 -30.26 -22.33
C TYR B 95 -12.27 -30.16 -23.12
N CYS B 96 -12.11 -30.01 -24.43
CA CYS B 96 -13.15 -30.27 -25.39
C CYS B 96 -13.19 -31.78 -25.68
N ALA B 97 -14.38 -32.38 -25.75
CA ALA B 97 -14.46 -33.83 -25.97
C ALA B 97 -15.66 -34.18 -26.84
N ARG B 98 -15.45 -35.12 -27.76
CA ARG B 98 -16.53 -35.55 -28.66
C ARG B 98 -17.23 -36.77 -28.10
N GLU B 99 -18.55 -36.77 -28.20
CA GLU B 99 -19.37 -37.86 -27.66
C GLU B 99 -19.67 -38.89 -28.73
N PHE B 100 -19.47 -40.16 -28.38
CA PHE B 100 -19.71 -41.26 -29.30
C PHE B 100 -20.88 -42.07 -28.77
N HIS B 101 -21.88 -42.29 -29.60
CA HIS B 101 -23.03 -43.09 -29.19
C HIS B 101 -22.78 -44.54 -29.55
N SER B 102 -22.30 -45.33 -28.59
CA SER B 102 -22.00 -46.72 -28.88
C SER B 102 -23.28 -47.53 -28.78
N GLY B 103 -23.20 -48.81 -29.12
CA GLY B 103 -24.37 -49.67 -29.12
C GLY B 103 -25.10 -49.68 -27.78
N LEU B 104 -24.33 -49.63 -26.69
CA LEU B 104 -24.91 -49.70 -25.37
C LEU B 104 -24.68 -48.47 -24.49
N GLY B 105 -24.29 -47.36 -25.07
CA GLY B 105 -24.13 -46.17 -24.23
C GLY B 105 -23.43 -44.99 -24.87
N TRP B 106 -22.83 -44.16 -24.03
CA TRP B 106 -22.20 -42.90 -24.44
C TRP B 106 -20.85 -42.76 -23.80
N HIS B 107 -19.84 -42.47 -24.61
CA HIS B 107 -18.51 -42.24 -24.07
C HIS B 107 -17.78 -41.20 -24.91
N PHE B 108 -16.58 -40.79 -24.47
CA PHE B 108 -15.82 -39.78 -25.20
C PHE B 108 -14.73 -40.46 -26.04
N ASP B 109 -14.78 -40.25 -27.37
CA ASP B 109 -13.85 -40.95 -28.26
C ASP B 109 -12.83 -40.00 -28.89
N LEU B 110 -12.83 -38.75 -28.46
CA LEU B 110 -11.89 -37.77 -28.96
C LEU B 110 -11.78 -36.64 -27.97
N TRP B 111 -10.54 -36.22 -27.68
CA TRP B 111 -10.29 -35.13 -26.73
C TRP B 111 -9.30 -34.15 -27.33
N GLY B 112 -9.38 -32.89 -26.91
CA GLY B 112 -8.33 -31.93 -27.19
C GLY B 112 -7.22 -32.07 -26.16
N ARG B 113 -6.18 -31.24 -26.26
CA ARG B 113 -5.08 -31.29 -25.31
C ARG B 113 -5.41 -30.50 -24.04
N GLY B 114 -6.47 -29.70 -24.12
CA GLY B 114 -6.95 -28.97 -22.95
C GLY B 114 -6.36 -27.58 -22.87
N THR B 115 -7.04 -26.69 -22.17
CA THR B 115 -6.53 -25.33 -21.95
C THR B 115 -6.70 -24.97 -20.47
N LEU B 116 -5.65 -24.43 -19.87
CA LEU B 116 -5.65 -24.19 -18.42
C LEU B 116 -6.31 -22.87 -18.03
N VAL B 117 -7.23 -22.96 -17.08
CA VAL B 117 -7.90 -21.78 -16.51
C VAL B 117 -7.53 -21.63 -15.05
N THR B 118 -6.82 -20.55 -14.74
CA THR B 118 -6.35 -20.27 -13.39
C THR B 118 -7.10 -19.08 -12.82
N VAL B 119 -7.93 -19.33 -11.80
CA VAL B 119 -8.72 -18.26 -11.21
C VAL B 119 -7.95 -17.71 -10.01
N SER B 120 -7.36 -16.53 -10.21
CA SER B 120 -6.48 -15.93 -9.20
C SER B 120 -6.37 -14.43 -9.40
N SER B 121 -6.07 -13.70 -8.32
CA SER B 121 -5.81 -12.26 -8.41
C SER B 121 -4.33 -11.97 -8.68
N ALA B 122 -3.51 -13.02 -8.64
CA ALA B 122 -2.07 -12.87 -8.78
C ALA B 122 -1.69 -12.43 -10.20
N SER B 123 -0.54 -11.76 -10.28
CA SER B 123 -0.05 -11.22 -11.54
C SER B 123 0.82 -12.25 -12.25
N THR B 124 0.81 -12.22 -13.58
CA THR B 124 1.63 -13.11 -14.39
C THR B 124 3.10 -12.67 -14.32
N LYS B 125 4.01 -13.61 -14.17
CA LYS B 125 5.42 -13.31 -13.96
C LYS B 125 6.31 -14.40 -14.54
N GLY B 126 7.28 -14.02 -15.37
CA GLY B 126 8.18 -15.00 -15.95
C GLY B 126 9.21 -15.46 -14.92
N PRO B 127 9.77 -16.66 -15.14
CA PRO B 127 10.71 -17.26 -14.20
C PRO B 127 12.13 -16.72 -14.33
N SER B 128 12.89 -16.78 -13.24
CA SER B 128 14.34 -16.65 -13.27
C SER B 128 14.93 -18.05 -13.40
N VAL B 129 15.94 -18.20 -14.25
CA VAL B 129 16.55 -19.51 -14.49
C VAL B 129 18.00 -19.55 -14.03
N PHE B 130 18.33 -20.56 -13.24
CA PHE B 130 19.65 -20.68 -12.63
C PHE B 130 20.26 -22.04 -12.91
N PRO B 131 21.59 -22.08 -13.12
CA PRO B 131 22.19 -23.38 -13.39
C PRO B 131 22.30 -24.26 -12.13
N LEU B 132 22.09 -25.57 -12.31
CA LEU B 132 22.51 -26.58 -11.34
C LEU B 132 23.77 -27.24 -11.90
N ALA B 133 24.92 -26.70 -11.53
CA ALA B 133 26.18 -27.08 -12.17
C ALA B 133 26.72 -28.42 -11.70
N PRO B 134 27.25 -29.23 -12.62
CA PRO B 134 27.89 -30.48 -12.21
C PRO B 134 29.21 -30.20 -11.49
N SER B 135 29.59 -31.04 -10.54
CA SER B 135 30.90 -30.93 -9.88
C SER B 135 31.33 -32.23 -9.22
N THR B 139 29.08 -36.49 -8.89
CA THR B 139 29.81 -37.26 -9.89
C THR B 139 30.44 -38.50 -9.29
N SER B 140 29.94 -39.66 -9.68
CA SER B 140 30.49 -40.93 -9.23
C SER B 140 30.07 -42.06 -10.17
N GLY B 141 30.91 -43.08 -10.26
CA GLY B 141 30.59 -44.27 -11.02
C GLY B 141 30.54 -44.06 -12.52
N GLY B 142 30.99 -42.89 -13.00
CA GLY B 142 30.97 -42.55 -14.41
C GLY B 142 29.83 -41.65 -14.86
N THR B 143 29.00 -41.24 -13.90
CA THR B 143 27.80 -40.48 -14.22
C THR B 143 27.81 -39.13 -13.49
N ALA B 144 27.45 -38.07 -14.21
CA ALA B 144 27.27 -36.76 -13.58
C ALA B 144 25.84 -36.26 -13.74
N ALA B 145 25.42 -35.42 -12.80
CA ALA B 145 24.10 -34.81 -12.88
C ALA B 145 24.25 -33.31 -13.02
N LEU B 146 23.38 -32.71 -13.84
CA LEU B 146 23.34 -31.26 -13.97
C LEU B 146 21.90 -30.85 -14.18
N GLY B 147 21.60 -29.56 -14.16
CA GLY B 147 20.21 -29.16 -14.31
C GLY B 147 19.99 -27.67 -14.38
N CYS B 148 18.72 -27.28 -14.31
CA CYS B 148 18.33 -25.88 -14.24
C CYS B 148 17.23 -25.72 -13.21
N LEU B 149 17.37 -24.66 -12.42
CA LEU B 149 16.37 -24.29 -11.46
C LEU B 149 15.55 -23.16 -12.08
N VAL B 150 14.25 -23.40 -12.23
CA VAL B 150 13.31 -22.46 -12.78
C VAL B 150 12.46 -21.89 -11.65
N LYS B 151 12.75 -20.66 -11.25
CA LYS B 151 12.25 -20.06 -10.01
C LYS B 151 11.30 -18.90 -10.18
N ASP B 152 10.27 -18.87 -9.33
CA ASP B 152 9.43 -17.68 -9.10
C ASP B 152 8.63 -17.26 -10.33
N TYR B 153 7.71 -18.12 -10.75
CA TYR B 153 6.85 -17.75 -11.88
C TYR B 153 5.39 -17.95 -11.55
N PHE B 154 4.54 -17.36 -12.37
CA PHE B 154 3.09 -17.53 -12.26
C PHE B 154 2.47 -17.10 -13.57
N PRO B 155 1.47 -17.85 -14.06
CA PRO B 155 0.92 -19.10 -13.49
C PRO B 155 1.65 -20.31 -14.06
N GLU B 156 1.18 -21.53 -13.77
CA GLU B 156 1.56 -22.69 -14.59
C GLU B 156 1.08 -22.48 -16.02
N PRO B 157 1.70 -23.18 -17.00
CA PRO B 157 2.84 -24.10 -16.92
C PRO B 157 4.14 -23.53 -17.46
N VAL B 158 5.24 -24.22 -17.17
CA VAL B 158 6.53 -23.96 -17.79
C VAL B 158 6.91 -25.23 -18.53
N THR B 159 7.58 -25.12 -19.68
CA THR B 159 8.17 -26.31 -20.28
C THR B 159 9.69 -26.16 -20.34
N VAL B 160 10.41 -27.26 -20.10
CA VAL B 160 11.86 -27.23 -20.19
C VAL B 160 12.28 -28.31 -21.16
N SER B 161 13.17 -27.98 -22.08
CA SER B 161 13.80 -28.98 -22.93
C SER B 161 15.29 -28.87 -22.73
N TRP B 162 16.05 -29.84 -23.24
CA TRP B 162 17.50 -29.75 -23.16
C TRP B 162 18.11 -29.83 -24.55
N ASN B 163 19.05 -28.94 -24.83
CA ASN B 163 19.66 -28.87 -26.15
C ASN B 163 18.60 -28.84 -27.24
N SER B 164 17.60 -27.99 -27.05
CA SER B 164 16.53 -27.75 -28.00
C SER B 164 15.72 -29.00 -28.32
N GLY B 165 15.80 -29.99 -27.44
CA GLY B 165 15.01 -31.20 -27.61
C GLY B 165 15.86 -32.39 -28.02
N ALA B 166 17.13 -32.15 -28.29
CA ALA B 166 18.04 -33.23 -28.72
C ALA B 166 18.43 -34.14 -27.55
N LEU B 167 18.38 -33.63 -26.33
CA LEU B 167 18.70 -34.44 -25.16
C LEU B 167 17.43 -34.80 -24.40
N THR B 168 17.09 -36.09 -24.34
CA THR B 168 15.87 -36.52 -23.66
C THR B 168 16.13 -37.67 -22.69
N SER B 169 17.13 -38.48 -23.02
CA SER B 169 17.52 -39.60 -22.18
C SER B 169 18.06 -39.12 -20.84
N GLY B 170 17.53 -39.67 -19.75
CA GLY B 170 18.01 -39.31 -18.42
C GLY B 170 17.53 -37.96 -17.89
N VAL B 171 16.60 -37.33 -18.61
CA VAL B 171 16.03 -36.05 -18.19
C VAL B 171 14.87 -36.27 -17.22
N HIS B 172 14.92 -35.57 -16.07
CA HIS B 172 13.78 -35.54 -15.18
C HIS B 172 13.37 -34.10 -14.90
N THR B 173 12.18 -33.72 -15.33
CA THR B 173 11.65 -32.41 -15.04
C THR B 173 10.56 -32.53 -14.00
N PHE B 174 10.83 -32.01 -12.81
CA PHE B 174 9.99 -32.24 -11.66
C PHE B 174 8.72 -31.42 -11.74
N PRO B 175 7.64 -31.94 -11.15
CA PRO B 175 6.43 -31.16 -10.96
C PRO B 175 6.77 -29.90 -10.17
N ALA B 176 6.21 -28.78 -10.59
CA ALA B 176 6.41 -27.51 -9.88
C ALA B 176 5.87 -27.55 -8.46
N VAL B 177 6.48 -26.77 -7.57
CA VAL B 177 5.93 -26.64 -6.23
C VAL B 177 5.49 -25.21 -6.06
N LEU B 178 4.41 -25.01 -5.30
CA LEU B 178 3.95 -23.67 -5.01
C LEU B 178 4.63 -23.22 -3.73
N GLN B 179 5.32 -22.09 -3.80
CA GLN B 179 6.03 -21.56 -2.65
C GLN B 179 5.09 -20.69 -1.81
N SER B 180 5.45 -20.45 -0.55
CA SER B 180 4.64 -19.60 0.33
C SER B 180 4.44 -18.20 -0.25
N SER B 181 5.35 -17.78 -1.13
CA SER B 181 5.23 -16.49 -1.81
C SER B 181 4.10 -16.48 -2.83
N GLY B 182 3.54 -17.64 -3.12
CA GLY B 182 2.47 -17.74 -4.11
C GLY B 182 2.98 -17.92 -5.52
N LEU B 183 4.31 -18.06 -5.66
CA LEU B 183 4.94 -18.26 -6.95
C LEU B 183 5.37 -19.72 -7.10
N TYR B 184 5.49 -20.18 -8.35
CA TYR B 184 5.94 -21.54 -8.60
C TYR B 184 7.43 -21.67 -8.78
N SER B 185 7.95 -22.86 -8.48
CA SER B 185 9.33 -23.17 -8.78
C SER B 185 9.45 -24.64 -9.14
N LEU B 186 10.37 -24.96 -10.06
CA LEU B 186 10.66 -26.35 -10.39
C LEU B 186 12.12 -26.47 -10.77
N SER B 187 12.59 -27.70 -10.86
CA SER B 187 13.91 -27.98 -11.39
C SER B 187 13.80 -29.01 -12.51
N SER B 188 14.75 -28.97 -13.43
CA SER B 188 14.88 -30.02 -14.44
C SER B 188 16.30 -30.51 -14.38
N VAL B 189 16.51 -31.81 -14.28
CA VAL B 189 17.86 -32.34 -14.16
C VAL B 189 18.08 -33.35 -15.26
N VAL B 190 19.34 -33.67 -15.52
CA VAL B 190 19.67 -34.73 -16.45
C VAL B 190 20.98 -35.38 -15.98
N THR B 191 21.07 -36.71 -16.14
CA THR B 191 22.31 -37.40 -15.88
C THR B 191 22.94 -37.75 -17.21
N VAL B 192 24.26 -37.58 -17.27
CA VAL B 192 25.03 -37.72 -18.50
C VAL B 192 26.36 -38.40 -18.17
N PRO B 193 27.05 -38.93 -19.20
CA PRO B 193 28.39 -39.43 -18.91
C PRO B 193 29.30 -38.33 -18.37
N SER B 194 29.98 -38.59 -17.25
CA SER B 194 30.83 -37.58 -16.64
C SER B 194 31.99 -37.20 -17.58
N SER B 195 32.39 -38.11 -18.46
CA SER B 195 33.44 -37.82 -19.43
C SER B 195 32.98 -36.79 -20.49
N SER B 196 31.68 -36.55 -20.59
CA SER B 196 31.19 -35.60 -21.58
C SER B 196 31.26 -34.14 -21.10
N LEU B 197 31.57 -33.93 -19.82
CA LEU B 197 31.46 -32.58 -19.23
C LEU B 197 32.45 -31.59 -19.84
N GLY B 198 33.61 -32.08 -20.27
CA GLY B 198 34.60 -31.23 -20.89
C GLY B 198 34.26 -30.76 -22.29
N THR B 199 33.50 -31.58 -23.03
CA THR B 199 33.34 -31.37 -24.45
C THR B 199 31.90 -31.05 -24.91
N GLN B 200 30.91 -31.66 -24.27
CA GLN B 200 29.52 -31.48 -24.70
C GLN B 200 28.86 -30.28 -24.03
N THR B 201 28.24 -29.42 -24.82
CA THR B 201 27.48 -28.29 -24.30
C THR B 201 26.08 -28.73 -23.87
N TYR B 202 25.68 -28.29 -22.68
CA TYR B 202 24.33 -28.56 -22.17
C TYR B 202 23.58 -27.26 -21.90
N ILE B 203 22.47 -27.08 -22.60
CA ILE B 203 21.66 -25.87 -22.46
C ILE B 203 20.23 -26.26 -22.12
N CYS B 204 19.68 -25.68 -21.07
CA CYS B 204 18.26 -25.90 -20.84
C CYS B 204 17.48 -24.77 -21.50
N ASN B 205 16.40 -25.15 -22.17
CA ASN B 205 15.50 -24.21 -22.82
C ASN B 205 14.20 -24.14 -22.06
N VAL B 206 13.94 -23.00 -21.45
CA VAL B 206 12.80 -22.79 -20.59
C VAL B 206 11.81 -21.90 -21.31
N ASN B 207 10.58 -22.37 -21.42
CA ASN B 207 9.53 -21.55 -22.01
C ASN B 207 8.37 -21.38 -21.04
N HIS B 208 8.07 -20.11 -20.76
CA HIS B 208 6.91 -19.75 -20.00
C HIS B 208 6.00 -18.91 -20.91
N LYS B 209 5.10 -19.59 -21.61
CA LYS B 209 4.23 -18.91 -22.57
C LYS B 209 3.33 -17.81 -21.98
N PRO B 210 2.77 -18.02 -20.77
CA PRO B 210 1.96 -16.91 -20.23
C PRO B 210 2.69 -15.57 -20.12
N SER B 211 3.99 -15.56 -19.87
CA SER B 211 4.72 -14.30 -19.79
C SER B 211 5.56 -14.04 -21.04
N ASN B 212 5.40 -14.88 -22.05
CA ASN B 212 6.23 -14.85 -23.26
C ASN B 212 7.70 -14.86 -22.92
N THR B 213 8.07 -15.63 -21.89
CA THR B 213 9.46 -15.71 -21.48
C THR B 213 10.11 -16.93 -22.09
N LYS B 214 11.18 -16.71 -22.87
CA LYS B 214 12.00 -17.80 -23.36
C LYS B 214 13.43 -17.58 -22.88
N VAL B 215 13.98 -18.58 -22.19
CA VAL B 215 15.32 -18.47 -21.65
C VAL B 215 16.15 -19.69 -22.03
N ASP B 216 17.35 -19.46 -22.54
CA ASP B 216 18.28 -20.55 -22.76
C ASP B 216 19.44 -20.37 -21.81
N LYS B 217 19.69 -21.37 -20.96
CA LYS B 217 20.75 -21.24 -19.98
C LYS B 217 21.79 -22.34 -20.22
N LYS B 218 23.03 -21.94 -20.52
CA LYS B 218 24.11 -22.90 -20.63
C LYS B 218 24.52 -23.35 -19.24
N VAL B 219 24.65 -24.65 -19.04
CA VAL B 219 25.02 -25.21 -17.75
C VAL B 219 26.39 -25.85 -17.85
N GLU B 220 27.38 -25.24 -17.26
CA GLU B 220 28.73 -25.79 -17.35
C GLU B 220 29.32 -26.03 -15.96
N PRO B 221 30.40 -26.83 -15.88
CA PRO B 221 31.10 -27.00 -14.61
C PRO B 221 31.62 -25.67 -14.06
N GLU C 1 12.24 52.89 -0.03
CA GLU C 1 11.63 51.92 0.87
C GLU C 1 12.66 50.91 1.39
N VAL C 2 12.73 50.79 2.71
CA VAL C 2 13.69 49.91 3.36
C VAL C 2 13.04 48.58 3.68
N GLN C 3 13.55 47.48 3.12
CA GLN C 3 12.91 46.20 3.36
C GLN C 3 13.86 45.00 3.24
N LEU C 4 13.42 43.90 3.83
CA LEU C 4 14.01 42.58 3.65
C LEU C 4 12.95 41.63 3.11
N VAL C 5 13.31 40.85 2.11
CA VAL C 5 12.36 39.90 1.56
C VAL C 5 12.92 38.50 1.55
N GLU C 6 12.30 37.59 2.31
CA GLU C 6 12.74 36.20 2.38
C GLU C 6 12.02 35.33 1.37
N THR C 7 12.72 34.34 0.83
CA THR C 7 12.11 33.36 -0.08
C THR C 7 12.73 31.99 0.14
N GLY C 8 12.08 30.95 -0.39
CA GLY C 8 12.62 29.61 -0.36
C GLY C 8 11.84 28.66 0.51
N GLY C 9 10.94 29.19 1.33
CA GLY C 9 10.18 28.36 2.25
C GLY C 9 9.24 27.44 1.51
N GLY C 10 8.79 26.39 2.19
CA GLY C 10 7.90 25.41 1.58
C GLY C 10 7.89 24.14 2.41
N VAL C 11 7.35 23.07 1.84
CA VAL C 11 7.35 21.78 2.51
C VAL C 11 8.61 21.03 2.16
N VAL C 12 9.27 20.49 3.17
CA VAL C 12 10.51 19.77 2.95
C VAL C 12 10.42 18.46 3.70
N GLN C 13 10.73 17.37 3.00
CA GLN C 13 10.71 16.05 3.61
C GLN C 13 11.75 15.97 4.69
N PRO C 14 11.43 15.28 5.80
CA PRO C 14 12.41 15.13 6.88
C PRO C 14 13.71 14.51 6.37
N GLY C 15 14.84 15.06 6.80
CA GLY C 15 16.15 14.59 6.41
C GLY C 15 16.73 15.29 5.19
N ARG C 16 15.88 15.99 4.45
CA ARG C 16 16.31 16.66 3.23
C ARG C 16 16.88 18.06 3.48
N SER C 17 17.29 18.73 2.40
CA SER C 17 17.90 20.05 2.45
C SER C 17 16.96 21.13 1.92
N LEU C 18 17.27 22.38 2.25
CA LEU C 18 16.51 23.51 1.75
C LEU C 18 17.33 24.78 1.91
N ARG C 19 17.37 25.64 0.89
CA ARG C 19 18.08 26.92 1.04
C ARG C 19 17.13 28.11 1.02
N LEU C 20 17.22 28.93 2.06
CA LEU C 20 16.46 30.18 2.14
C LEU C 20 17.32 31.32 1.65
N SER C 21 16.67 32.34 1.07
CA SER C 21 17.36 33.55 0.65
C SER C 21 16.64 34.75 1.22
N CYS C 22 17.36 35.83 1.40
CA CYS C 22 16.78 37.09 1.87
C CYS C 22 17.45 38.19 1.09
N THR C 23 16.67 39.06 0.47
CA THR C 23 17.30 40.16 -0.26
C THR C 23 16.86 41.50 0.30
N ALA C 24 17.86 42.36 0.49
CA ALA C 24 17.67 43.67 1.10
C ALA C 24 17.47 44.70 0.02
N SER C 25 16.71 45.75 0.35
CA SER C 25 16.68 46.92 -0.51
C SER C 25 16.46 48.17 0.33
N GLY C 26 16.99 49.28 -0.15
CA GLY C 26 16.76 50.55 0.51
C GLY C 26 17.82 50.93 1.50
N PHE C 27 18.84 50.08 1.66
CA PHE C 27 19.97 50.43 2.52
C PHE C 27 21.25 49.75 2.07
N THR C 28 22.36 50.14 2.68
CA THR C 28 23.65 49.60 2.29
C THR C 28 23.87 48.25 3.02
N PHE C 29 23.49 47.17 2.35
CA PHE C 29 23.55 45.81 2.90
C PHE C 29 24.93 45.48 3.46
N ARG C 30 25.96 45.87 2.72
CA ARG C 30 27.34 45.54 3.07
C ARG C 30 27.79 46.11 4.43
N ASP C 31 27.04 47.05 4.97
CA ASP C 31 27.42 47.70 6.22
C ASP C 31 26.89 47.00 7.48
N TYR C 32 26.08 45.96 7.32
CA TYR C 32 25.39 45.41 8.49
C TYR C 32 25.66 43.93 8.74
N TRP C 33 25.78 43.56 10.02
CA TRP C 33 25.64 42.19 10.43
C TRP C 33 24.20 41.78 10.15
N MET C 34 24.00 40.56 9.69
CA MET C 34 22.64 40.10 9.38
C MET C 34 22.37 38.76 10.06
N SER C 35 21.12 38.58 10.51
CA SER C 35 20.68 37.38 11.20
C SER C 35 19.52 36.64 10.54
N TRP C 36 19.45 35.37 10.85
CA TRP C 36 18.21 34.61 10.74
C TRP C 36 17.68 34.35 12.15
N VAL C 37 16.37 34.59 12.28
CA VAL C 37 15.61 34.34 13.49
C VAL C 37 14.39 33.50 13.14
N ARG C 38 14.06 32.48 13.92
CA ARG C 38 12.91 31.67 13.53
C ARG C 38 11.85 31.61 14.62
N GLN C 39 10.65 31.21 14.22
CA GLN C 39 9.54 31.09 15.14
C GLN C 39 8.65 29.90 14.76
N ALA C 40 8.70 28.84 15.57
CA ALA C 40 7.85 27.68 15.34
C ALA C 40 6.40 28.11 15.57
N PRO C 41 5.46 27.50 14.84
CA PRO C 41 4.04 27.90 14.94
C PRO C 41 3.56 27.89 16.39
N GLY C 42 3.03 29.02 16.85
CA GLY C 42 2.55 29.16 18.22
C GLY C 42 3.60 29.25 19.32
N LYS C 43 4.88 29.38 18.96
CA LYS C 43 5.93 29.43 19.97
C LYS C 43 6.73 30.75 19.92
N GLY C 44 7.81 30.81 20.69
CA GLY C 44 8.58 32.03 20.82
C GLY C 44 9.61 32.26 19.74
N LEU C 45 10.22 33.45 19.78
CA LEU C 45 11.31 33.78 18.87
C LEU C 45 12.57 33.02 19.25
N GLU C 46 13.28 32.53 18.24
CA GLU C 46 14.54 31.85 18.45
C GLU C 46 15.56 32.31 17.42
N TRP C 47 16.61 33.00 17.88
CA TRP C 47 17.67 33.40 16.96
C TRP C 47 18.38 32.14 16.47
N VAL C 48 18.80 32.16 15.20
CA VAL C 48 19.37 30.97 14.57
C VAL C 48 20.83 31.18 14.24
N ALA C 49 21.12 32.27 13.53
CA ALA C 49 22.51 32.45 13.08
C ALA C 49 22.76 33.86 12.60
N ASP C 50 24.01 34.30 12.63
CA ASP C 50 24.30 35.58 11.99
C ASP C 50 25.67 35.63 11.36
N ILE C 51 25.91 36.70 10.63
CA ILE C 51 27.13 36.82 9.83
C ILE C 51 27.50 38.29 9.69
N ASN C 52 28.80 38.57 9.86
CA ASN C 52 29.27 39.94 9.83
C ASN C 52 29.40 40.43 8.38
N PRO C 53 29.64 41.74 8.19
CA PRO C 53 29.63 42.32 6.84
C PRO C 53 30.53 41.63 5.81
N ASP C 54 31.78 41.33 6.15
CA ASP C 54 32.68 40.72 5.16
C ASP C 54 32.63 39.20 5.20
N GLY C 55 31.71 38.67 6.02
CA GLY C 55 31.45 37.25 6.06
C GLY C 55 32.55 36.41 6.67
N ILE C 56 33.43 37.03 7.45
CA ILE C 56 34.53 36.29 8.06
C ILE C 56 34.04 35.62 9.35
N THR C 57 33.08 36.24 10.01
CA THR C 57 32.58 35.73 11.29
C THR C 57 31.13 35.28 11.19
N ARG C 58 30.87 34.02 11.53
CA ARG C 58 29.51 33.52 11.56
C ARG C 58 29.26 32.90 12.92
N TYR C 59 28.06 33.10 13.46
CA TYR C 59 27.67 32.45 14.71
C TYR C 59 26.39 31.66 14.51
N TYR C 60 26.27 30.56 15.26
CA TYR C 60 25.11 29.67 15.21
C TYR C 60 24.69 29.28 16.62
N ILE C 61 23.42 28.96 16.80
CA ILE C 61 22.97 28.26 18.00
C ILE C 61 23.34 26.78 17.89
N ASP C 62 23.59 26.12 19.03
CA ASP C 62 24.01 24.73 19.03
C ASP C 62 23.07 23.80 18.24
N ALA C 63 21.77 24.05 18.36
CA ALA C 63 20.76 23.21 17.72
C ALA C 63 20.91 23.10 16.19
N VAL C 64 21.57 24.06 15.55
CA VAL C 64 21.68 24.03 14.10
C VAL C 64 23.11 23.93 13.62
N LYS C 65 24.04 23.84 14.56
CA LYS C 65 25.46 23.76 14.26
C LYS C 65 25.79 22.68 13.22
N GLY C 66 26.54 23.05 12.19
CA GLY C 66 26.91 22.10 11.14
C GLY C 66 25.79 21.86 10.13
N ARG C 67 24.60 21.52 10.63
CA ARG C 67 23.43 21.33 9.79
C ARG C 67 23.10 22.57 8.98
N PHE C 68 23.22 23.74 9.62
CA PHE C 68 22.89 25.01 8.98
C PHE C 68 24.16 25.77 8.61
N THR C 69 24.16 26.41 7.45
CA THR C 69 25.24 27.31 7.05
C THR C 69 24.67 28.67 6.64
N ILE C 70 25.15 29.75 7.25
CA ILE C 70 24.70 31.08 6.86
C ILE C 70 25.76 31.67 5.92
N SER C 71 25.33 32.33 4.86
CA SER C 71 26.29 32.95 3.95
C SER C 71 25.72 34.27 3.42
N ARG C 72 26.54 35.03 2.70
CA ARG C 72 26.03 36.27 2.12
C ARG C 72 26.75 36.62 0.83
N ASP C 73 26.04 37.36 -0.02
CA ASP C 73 26.59 37.92 -1.25
C ASP C 73 26.23 39.41 -1.26
N ASN C 74 27.20 40.24 -0.85
CA ASN C 74 26.97 41.67 -0.76
C ASN C 74 26.64 42.31 -2.10
N ALA C 75 27.27 41.81 -3.16
CA ALA C 75 26.98 42.27 -4.52
C ALA C 75 25.51 42.10 -4.89
N LYS C 76 24.87 41.06 -4.36
CA LYS C 76 23.47 40.77 -4.64
C LYS C 76 22.56 41.24 -3.51
N SER C 77 23.13 41.98 -2.56
CA SER C 77 22.40 42.43 -1.37
C SER C 77 21.65 41.29 -0.70
N SER C 78 22.28 40.11 -0.66
CA SER C 78 21.55 38.91 -0.24
C SER C 78 22.20 38.12 0.90
N LEU C 79 21.34 37.55 1.74
CA LEU C 79 21.68 36.67 2.83
C LEU C 79 21.12 35.28 2.54
N TYR C 80 21.83 34.21 2.91
CA TYR C 80 21.34 32.87 2.63
C TYR C 80 21.43 31.98 3.86
N LEU C 81 20.52 31.01 3.94
CA LEU C 81 20.59 29.98 4.97
C LEU C 81 20.42 28.62 4.34
N GLN C 82 21.51 27.85 4.30
CA GLN C 82 21.46 26.47 3.85
C GLN C 82 21.12 25.57 5.03
N MET C 83 20.03 24.81 4.91
CA MET C 83 19.57 23.97 6.00
C MET C 83 19.57 22.51 5.57
N ASN C 84 20.41 21.71 6.20
CA ASN C 84 20.53 20.28 5.91
C ASN C 84 19.95 19.46 7.07
N SER C 85 19.71 18.18 6.82
CA SER C 85 19.19 17.26 7.82
C SER C 85 18.02 17.84 8.61
N LEU C 86 17.02 18.36 7.88
CA LEU C 86 15.89 19.02 8.52
C LEU C 86 15.04 18.05 9.32
N GLY C 87 14.64 18.50 10.51
CA GLY C 87 13.74 17.75 11.37
C GLY C 87 12.50 18.57 11.68
N ALA C 88 11.54 17.95 12.37
CA ALA C 88 10.29 18.64 12.72
C ALA C 88 10.54 19.80 13.68
N GLU C 89 11.65 19.73 14.40
CA GLU C 89 12.03 20.80 15.30
C GLU C 89 12.45 22.05 14.53
N ASP C 90 12.65 21.91 13.22
CA ASP C 90 13.07 23.03 12.39
C ASP C 90 11.92 23.74 11.71
N THR C 91 10.71 23.18 11.84
CA THR C 91 9.51 23.80 11.28
C THR C 91 9.29 25.16 11.92
N ALA C 92 9.22 26.22 11.11
CA ALA C 92 9.10 27.57 11.65
C ALA C 92 8.95 28.59 10.56
N VAL C 93 8.47 29.77 10.91
CA VAL C 93 8.65 30.93 10.05
C VAL C 93 10.07 31.39 10.26
N TYR C 94 10.80 31.59 9.18
CA TYR C 94 12.17 32.08 9.23
C TYR C 94 12.21 33.51 8.76
N TYR C 95 12.70 34.39 9.64
CA TYR C 95 12.85 35.81 9.36
C TYR C 95 14.31 36.15 9.12
N CYS C 96 14.52 36.95 8.09
CA CYS C 96 15.73 37.74 7.91
C CYS C 96 15.67 38.98 8.80
N ALA C 97 16.75 39.32 9.50
CA ALA C 97 16.74 40.47 10.40
C ALA C 97 18.08 41.22 10.43
N ARG C 98 17.99 42.54 10.40
CA ARG C 98 19.15 43.41 10.37
C ARG C 98 19.55 43.79 11.79
N GLU C 99 20.85 43.70 12.08
CA GLU C 99 21.37 44.04 13.42
C GLU C 99 21.82 45.48 13.50
N PHE C 100 21.40 46.13 14.58
CA PHE C 100 21.78 47.52 14.84
C PHE C 100 22.68 47.55 16.06
N HIS C 101 23.86 48.17 15.92
CA HIS C 101 24.78 48.36 17.02
C HIS C 101 24.46 49.66 17.73
N SER C 102 23.65 49.58 18.79
CA SER C 102 23.28 50.79 19.52
C SER C 102 24.40 51.16 20.49
N GLY C 103 24.24 52.29 21.16
CA GLY C 103 25.28 52.77 22.06
C GLY C 103 25.70 51.73 23.09
N LEU C 104 24.73 50.96 23.59
CA LEU C 104 24.99 50.00 24.66
C LEU C 104 24.72 48.55 24.30
N GLY C 105 24.53 48.23 23.02
CA GLY C 105 24.32 46.84 22.66
C GLY C 105 23.93 46.56 21.22
N TRP C 106 23.25 45.43 21.03
CA TRP C 106 22.87 44.92 19.72
C TRP C 106 21.42 44.49 19.72
N HIS C 107 20.64 45.01 18.77
CA HIS C 107 19.26 44.57 18.63
C HIS C 107 18.88 44.53 17.16
N PHE C 108 17.68 44.03 16.87
CA PHE C 108 17.22 43.93 15.50
C PHE C 108 16.31 45.09 15.16
N ASP C 109 16.70 45.89 14.16
CA ASP C 109 15.97 47.10 13.83
C ASP C 109 15.24 47.04 12.50
N LEU C 110 15.25 45.87 11.87
CA LEU C 110 14.53 45.67 10.62
C LEU C 110 14.31 44.19 10.38
N TRP C 111 13.07 43.81 10.05
CA TRP C 111 12.71 42.41 9.81
C TRP C 111 12.03 42.24 8.45
N GLY C 112 12.20 41.07 7.86
CA GLY C 112 11.40 40.66 6.72
C GLY C 112 10.04 40.19 7.20
N ARG C 113 9.16 39.78 6.29
CA ARG C 113 7.86 39.28 6.71
C ARG C 113 7.91 37.79 7.04
N GLY C 114 9.03 37.14 6.69
CA GLY C 114 9.27 35.76 7.07
C GLY C 114 8.84 34.79 6.00
N THR C 115 9.45 33.60 5.99
CA THR C 115 9.09 32.56 5.04
C THR C 115 8.89 31.23 5.79
N LEU C 116 7.77 30.56 5.55
CA LEU C 116 7.42 29.37 6.33
C LEU C 116 8.10 28.11 5.82
N VAL C 117 8.76 27.41 6.73
CA VAL C 117 9.34 26.11 6.43
C VAL C 117 8.61 25.03 7.21
N THR C 118 8.02 24.09 6.47
CA THR C 118 7.26 23.00 7.07
C THR C 118 7.95 21.69 6.78
N VAL C 119 8.47 21.03 7.81
CA VAL C 119 9.19 19.79 7.63
C VAL C 119 8.22 18.63 7.82
N SER C 120 7.82 18.03 6.70
CA SER C 120 6.77 17.01 6.71
C SER C 120 6.82 16.11 5.49
N SER C 121 6.34 14.88 5.66
CA SER C 121 6.23 13.92 4.56
C SER C 121 4.92 14.09 3.79
N ALA C 122 4.01 14.86 4.36
CA ALA C 122 2.68 15.01 3.79
C ALA C 122 2.71 15.74 2.46
N SER C 123 1.74 15.45 1.61
CA SER C 123 1.66 16.09 0.31
C SER C 123 0.91 17.40 0.42
N THR C 124 1.21 18.32 -0.48
CA THR C 124 0.52 19.58 -0.55
C THR C 124 -0.87 19.36 -1.14
N LYS C 125 -1.89 19.93 -0.51
CA LYS C 125 -3.27 19.78 -0.96
C LYS C 125 -4.09 21.05 -0.79
N GLY C 126 -4.80 21.44 -1.83
CA GLY C 126 -5.67 22.61 -1.76
C GLY C 126 -6.94 22.32 -0.97
N PRO C 127 -7.57 23.37 -0.41
CA PRO C 127 -8.78 23.25 0.39
C PRO C 127 -10.06 23.07 -0.43
N SER C 128 -11.07 22.46 0.17
CA SER C 128 -12.43 22.57 -0.32
C SER C 128 -13.11 23.70 0.45
N VAL C 129 -13.86 24.55 -0.22
CA VAL C 129 -14.59 25.64 0.45
C VAL C 129 -16.09 25.42 0.44
N PHE C 130 -16.71 25.61 1.59
CA PHE C 130 -18.14 25.44 1.75
C PHE C 130 -18.79 26.65 2.38
N PRO C 131 -20.03 26.97 1.99
CA PRO C 131 -20.71 28.10 2.61
C PRO C 131 -21.15 27.81 4.04
N LEU C 132 -21.07 28.81 4.90
CA LEU C 132 -21.77 28.85 6.17
C LEU C 132 -22.93 29.82 5.99
N ALA C 133 -24.06 29.29 5.55
CA ALA C 133 -25.17 30.11 5.10
C ALA C 133 -25.95 30.73 6.25
N PRO C 134 -26.32 32.01 6.11
CA PRO C 134 -27.14 32.64 7.15
C PRO C 134 -28.56 32.08 7.08
N SER C 135 -29.24 31.96 8.21
CA SER C 135 -30.60 31.41 8.22
C SER C 135 -31.48 32.03 9.29
N THR C 139 -29.63 34.66 13.05
CA THR C 139 -30.27 35.95 12.82
C THR C 139 -31.02 36.39 14.06
N SER C 140 -30.53 37.46 14.68
CA SER C 140 -31.02 37.90 15.98
C SER C 140 -30.78 39.40 16.16
N GLY C 141 -31.82 40.11 16.61
CA GLY C 141 -31.71 41.53 16.95
C GLY C 141 -31.16 42.45 15.87
N GLY C 142 -31.32 42.08 14.60
CA GLY C 142 -30.90 42.89 13.48
C GLY C 142 -29.58 42.48 12.82
N THR C 143 -28.95 41.44 13.35
CA THR C 143 -27.64 41.02 12.87
C THR C 143 -27.70 39.58 12.38
N ALA C 144 -27.04 39.32 11.25
CA ALA C 144 -26.90 37.96 10.74
C ALA C 144 -25.44 37.57 10.66
N ALA C 145 -25.14 36.29 10.81
CA ALA C 145 -23.79 35.80 10.61
C ALA C 145 -23.76 34.87 9.41
N LEU C 146 -22.67 34.92 8.66
CA LEU C 146 -22.49 34.03 7.54
C LEU C 146 -21.00 33.76 7.43
N GLY C 147 -20.57 32.86 6.58
CA GLY C 147 -19.15 32.57 6.50
C GLY C 147 -18.76 31.53 5.47
N CYS C 148 -17.51 31.07 5.53
CA CYS C 148 -17.01 29.99 4.69
C CYS C 148 -16.17 29.06 5.52
N LEU C 149 -16.40 27.77 5.30
CA LEU C 149 -15.61 26.72 5.88
C LEU C 149 -14.53 26.32 4.87
N VAL C 150 -13.27 26.44 5.27
CA VAL C 150 -12.14 26.07 4.43
C VAL C 150 -11.52 24.78 4.97
N LYS C 151 -11.80 23.66 4.30
CA LYS C 151 -11.53 22.32 4.82
C LYS C 151 -10.43 21.55 4.10
N ASP C 152 -9.63 20.83 4.89
CA ASP C 152 -8.76 19.76 4.39
C ASP C 152 -7.64 20.26 3.48
N TYR C 153 -6.76 21.09 4.00
CA TYR C 153 -5.64 21.56 3.21
C TYR C 153 -4.32 21.33 3.93
N PHE C 154 -3.23 21.44 3.16
CA PHE C 154 -1.87 21.32 3.68
C PHE C 154 -0.92 21.88 2.63
N PRO C 155 0.09 22.66 3.06
CA PRO C 155 0.31 23.05 4.45
C PRO C 155 -0.36 24.38 4.72
N GLU C 156 -0.11 24.96 5.90
CA GLU C 156 -0.44 26.37 6.13
C GLU C 156 0.37 27.24 5.17
N PRO C 157 -0.09 28.46 4.88
CA PRO C 157 -1.29 29.15 5.35
C PRO C 157 -2.37 29.28 4.28
N VAL C 158 -3.58 29.61 4.73
CA VAL C 158 -4.65 30.03 3.85
C VAL C 158 -4.95 31.49 4.18
N THR C 159 -5.25 32.29 3.16
CA THR C 159 -5.78 33.63 3.44
C THR C 159 -7.23 33.72 2.98
N VAL C 160 -8.08 34.35 3.78
CA VAL C 160 -9.46 34.59 3.35
C VAL C 160 -9.74 36.08 3.36
N SER C 161 -10.35 36.59 2.29
CA SER C 161 -10.89 37.95 2.31
C SER C 161 -12.36 37.86 1.99
N TRP C 162 -13.08 38.96 2.15
CA TRP C 162 -14.49 39.01 1.81
C TRP C 162 -14.73 40.12 0.80
N ASN C 163 -15.51 39.81 -0.23
CA ASN C 163 -15.81 40.77 -1.29
C ASN C 163 -14.57 41.45 -1.81
N SER C 164 -13.54 40.65 -2.11
CA SER C 164 -12.28 41.13 -2.64
C SER C 164 -11.66 42.21 -1.76
N GLY C 165 -11.88 42.11 -0.45
CA GLY C 165 -11.26 43.01 0.50
C GLY C 165 -12.09 44.23 0.86
N ALA C 166 -13.24 44.39 0.22
CA ALA C 166 -14.12 45.52 0.48
C ALA C 166 -14.88 45.37 1.80
N LEU C 167 -14.99 44.15 2.29
CA LEU C 167 -15.69 43.91 3.55
C LEU C 167 -14.69 43.45 4.60
N THR C 168 -14.52 44.27 5.65
CA THR C 168 -13.52 43.98 6.68
C THR C 168 -14.15 44.03 8.07
N SER C 169 -15.15 44.90 8.21
CA SER C 169 -15.84 45.09 9.47
C SER C 169 -16.67 43.86 9.86
N GLY C 170 -16.45 43.36 11.08
CA GLY C 170 -17.22 42.23 11.57
C GLY C 170 -16.67 40.89 11.12
N VAL C 171 -15.54 40.90 10.42
CA VAL C 171 -14.93 39.65 9.95
C VAL C 171 -14.07 39.00 11.02
N HIS C 172 -14.27 37.70 11.23
CA HIS C 172 -13.35 36.93 12.06
C HIS C 172 -12.87 35.70 11.31
N THR C 173 -11.57 35.64 11.07
CA THR C 173 -11.00 34.46 10.42
C THR C 173 -10.22 33.67 11.45
N PHE C 174 -10.72 32.50 11.80
CA PHE C 174 -10.20 31.77 12.95
C PHE C 174 -8.88 31.10 12.64
N PRO C 175 -8.04 30.91 13.67
CA PRO C 175 -6.84 30.11 13.46
C PRO C 175 -7.21 28.70 13.03
N ALA C 176 -6.41 28.13 12.14
CA ALA C 176 -6.66 26.79 11.63
C ALA C 176 -6.50 25.75 12.71
N VAL C 177 -7.28 24.68 12.64
CA VAL C 177 -7.05 23.55 13.52
C VAL C 177 -6.49 22.43 12.68
N LEU C 178 -5.63 21.63 13.28
CA LEU C 178 -5.07 20.47 12.62
C LEU C 178 -5.96 19.27 12.93
N GLN C 179 -6.51 18.64 11.90
CA GLN C 179 -7.45 17.55 12.08
C GLN C 179 -6.68 16.25 12.28
N SER C 180 -7.36 15.20 12.75
CA SER C 180 -6.70 13.92 13.02
C SER C 180 -6.15 13.32 11.73
N SER C 181 -6.70 13.75 10.61
CA SER C 181 -6.26 13.31 9.29
C SER C 181 -4.91 13.91 8.90
N GLY C 182 -4.47 14.92 9.63
CA GLY C 182 -3.22 15.61 9.33
C GLY C 182 -3.42 16.79 8.39
N LEU C 183 -4.68 17.08 8.05
CA LEU C 183 -5.00 18.23 7.23
C LEU C 183 -5.56 19.39 8.07
N TYR C 184 -5.38 20.61 7.59
CA TYR C 184 -5.88 21.80 8.28
C TYR C 184 -7.28 22.15 7.85
N SER C 185 -8.00 22.82 8.74
CA SER C 185 -9.31 23.36 8.44
C SER C 185 -9.48 24.64 9.25
N LEU C 186 -10.15 25.63 8.67
CA LEU C 186 -10.53 26.81 9.44
C LEU C 186 -11.86 27.33 8.92
N SER C 187 -12.43 28.30 9.64
CA SER C 187 -13.61 29.00 9.15
C SER C 187 -13.33 30.50 9.14
N SER C 188 -14.01 31.22 8.25
CA SER C 188 -14.01 32.67 8.33
C SER C 188 -15.48 33.11 8.37
N VAL C 189 -15.83 33.98 9.31
CA VAL C 189 -17.22 34.39 9.46
C VAL C 189 -17.33 35.90 9.42
N VAL C 190 -18.53 36.39 9.19
CA VAL C 190 -18.76 37.81 9.26
C VAL C 190 -20.18 38.08 9.71
N THR C 191 -20.35 39.11 10.53
CA THR C 191 -21.66 39.55 10.93
C THR C 191 -22.02 40.81 10.14
N VAL C 192 -23.26 40.87 9.68
CA VAL C 192 -23.73 41.90 8.78
C VAL C 192 -25.15 42.30 9.17
N PRO C 193 -25.62 43.48 8.72
CA PRO C 193 -27.04 43.77 8.93
C PRO C 193 -27.94 42.71 8.28
N SER C 194 -28.86 42.13 9.04
CA SER C 194 -29.70 41.07 8.48
C SER C 194 -30.56 41.60 7.32
N SER C 195 -30.82 42.91 7.30
CA SER C 195 -31.59 43.50 6.22
C SER C 195 -30.81 43.52 4.90
N SER C 196 -29.51 43.27 4.96
CA SER C 196 -28.70 43.29 3.75
C SER C 196 -28.73 41.96 2.99
N LEU C 197 -29.31 40.93 3.58
CA LEU C 197 -29.16 39.58 3.05
C LEU C 197 -29.81 39.38 1.68
N GLY C 198 -30.92 40.07 1.45
CA GLY C 198 -31.64 39.93 0.19
C GLY C 198 -30.94 40.62 -0.97
N THR C 199 -30.15 41.64 -0.67
CA THR C 199 -29.67 42.57 -1.69
C THR C 199 -28.15 42.57 -1.87
N GLN C 200 -27.40 42.47 -0.77
CA GLN C 200 -25.95 42.51 -0.86
C GLN C 200 -25.35 41.12 -1.12
N THR C 201 -24.43 41.05 -2.08
CA THR C 201 -23.72 39.82 -2.39
C THR C 201 -22.51 39.66 -1.46
N TYR C 202 -22.38 38.47 -0.88
CA TYR C 202 -21.23 38.17 -0.04
C TYR C 202 -20.43 37.01 -0.62
N ILE C 203 -19.18 37.30 -0.97
CA ILE C 203 -18.30 36.29 -1.53
C ILE C 203 -17.03 36.17 -0.69
N CYS C 204 -16.69 34.96 -0.27
CA CYS C 204 -15.40 34.77 0.39
C CYS C 204 -14.34 34.34 -0.63
N ASN C 205 -13.17 34.99 -0.54
CA ASN C 205 -12.05 34.76 -1.43
C ASN C 205 -10.97 34.02 -0.67
N VAL C 206 -10.80 32.76 -1.03
CA VAL C 206 -9.88 31.87 -0.38
C VAL C 206 -8.65 31.66 -1.26
N ASN C 207 -7.49 31.96 -0.71
CA ASN C 207 -6.25 31.72 -1.42
C ASN C 207 -5.34 30.80 -0.62
N HIS C 208 -4.97 29.70 -1.25
CA HIS C 208 -4.00 28.77 -0.71
C HIS C 208 -2.83 28.71 -1.69
N LYS C 209 -1.86 29.59 -1.48
CA LYS C 209 -0.73 29.70 -2.40
C LYS C 209 0.11 28.44 -2.57
N PRO C 210 0.30 27.62 -1.50
CA PRO C 210 1.12 26.43 -1.73
C PRO C 210 0.55 25.47 -2.78
N SER C 211 -0.77 25.41 -2.91
CA SER C 211 -1.38 24.54 -3.92
C SER C 211 -1.82 25.33 -5.13
N ASN C 212 -1.52 26.63 -5.13
CA ASN C 212 -2.02 27.54 -6.15
C ASN C 212 -3.55 27.44 -6.29
N THR C 213 -4.24 27.37 -5.16
CA THR C 213 -5.70 27.29 -5.20
C THR C 213 -6.31 28.64 -4.87
N LYS C 214 -7.14 29.14 -5.78
CA LYS C 214 -7.95 30.33 -5.51
C LYS C 214 -9.41 29.97 -5.73
N VAL C 215 -10.22 30.28 -4.72
CA VAL C 215 -11.64 29.96 -4.76
C VAL C 215 -12.43 31.19 -4.35
N ASP C 216 -13.46 31.54 -5.12
CA ASP C 216 -14.43 32.54 -4.69
C ASP C 216 -15.79 31.88 -4.49
N LYS C 217 -16.24 31.84 -3.24
CA LYS C 217 -17.49 31.17 -2.92
C LYS C 217 -18.55 32.21 -2.54
N LYS C 218 -19.62 32.27 -3.31
CA LYS C 218 -20.75 33.13 -2.97
C LYS C 218 -21.56 32.47 -1.87
N VAL C 219 -21.81 33.23 -0.81
CA VAL C 219 -22.56 32.73 0.34
C VAL C 219 -23.92 33.41 0.39
N GLU C 220 -24.98 32.65 0.15
CA GLU C 220 -26.32 33.20 0.14
C GLU C 220 -27.24 32.43 1.11
N PRO C 221 -28.38 33.04 1.51
CA PRO C 221 -29.28 32.46 2.52
C PRO C 221 -29.72 31.02 2.25
N LEU D 4 16.08 33.67 29.18
CA LEU D 4 15.41 34.83 29.78
C LEU D 4 13.96 34.49 30.10
N THR D 5 13.56 34.68 31.34
CA THR D 5 12.24 34.31 31.82
C THR D 5 11.28 35.49 31.82
N GLN D 6 10.08 35.25 31.28
CA GLN D 6 8.99 36.24 31.25
C GLN D 6 7.71 35.56 31.70
N PRO D 7 6.82 36.34 32.33
CA PRO D 7 5.48 35.80 32.61
C PRO D 7 4.72 35.53 31.32
N PRO D 8 3.96 34.42 31.26
CA PRO D 8 3.21 34.12 30.05
C PRO D 8 2.17 35.18 29.74
N SER D 9 1.62 35.81 30.78
CA SER D 9 0.47 36.70 30.60
C SER D 9 0.46 37.90 31.54
N VAL D 10 0.03 39.04 31.02
CA VAL D 10 -0.18 40.25 31.81
C VAL D 10 -1.49 40.89 31.40
N SER D 11 -2.36 41.17 32.39
CA SER D 11 -3.65 41.83 32.16
C SER D 11 -3.68 43.26 32.69
N VAL D 12 -4.31 44.16 31.95
CA VAL D 12 -4.39 45.56 32.34
C VAL D 12 -5.62 46.23 31.72
N ALA D 13 -6.21 47.18 32.46
CA ALA D 13 -7.36 47.94 31.97
C ALA D 13 -6.92 49.12 31.11
N PRO D 14 -7.75 49.57 30.18
CA PRO D 14 -7.40 50.71 29.31
C PRO D 14 -7.06 51.97 30.11
N GLY D 15 -5.97 52.65 29.75
CA GLY D 15 -5.54 53.85 30.44
C GLY D 15 -4.61 53.56 31.60
N GLN D 16 -4.55 52.31 32.02
CA GLN D 16 -3.71 51.90 33.14
C GLN D 16 -2.33 51.44 32.67
N THR D 17 -1.51 50.97 33.61
CA THR D 17 -0.11 50.70 33.32
C THR D 17 0.23 49.22 33.39
N ALA D 18 0.79 48.68 32.30
CA ALA D 18 1.25 47.31 32.25
C ALA D 18 2.75 47.22 32.53
N ARG D 19 3.15 46.26 33.34
CA ARG D 19 4.58 45.99 33.56
C ARG D 19 4.91 44.55 33.20
N ILE D 20 5.85 44.39 32.28
CA ILE D 20 6.27 43.07 31.81
C ILE D 20 7.72 42.83 32.21
N THR D 21 7.97 41.78 32.98
CA THR D 21 9.31 41.53 33.48
C THR D 21 10.08 40.51 32.63
N CYS D 22 11.40 40.61 32.70
CA CYS D 22 12.35 39.77 31.96
C CYS D 22 13.47 39.42 32.92
N GLY D 23 13.55 38.14 33.29
CA GLY D 23 14.49 37.71 34.32
C GLY D 23 15.69 36.95 33.82
N GLY D 24 16.84 37.23 34.40
CA GLY D 24 18.07 36.55 34.07
C GLY D 24 19.15 36.95 35.04
N THR D 25 19.98 35.99 35.45
CA THR D 25 21.10 36.26 36.36
C THR D 25 21.96 37.41 35.88
N ASN D 26 22.00 38.47 36.68
CA ASN D 26 22.81 39.65 36.37
C ASN D 26 22.48 40.27 35.02
N ILE D 27 21.20 40.20 34.64
CA ILE D 27 20.79 40.80 33.38
C ILE D 27 21.03 42.33 33.41
N GLY D 28 21.05 42.90 34.62
CA GLY D 28 21.33 44.32 34.77
C GLY D 28 22.73 44.76 34.35
N ASP D 29 23.61 43.79 34.13
CA ASP D 29 24.96 44.06 33.62
C ASP D 29 25.02 44.25 32.11
N ILE D 30 23.97 43.84 31.41
CA ILE D 30 23.94 43.93 29.96
C ILE D 30 22.67 44.61 29.46
N SER D 31 22.69 45.04 28.21
CA SER D 31 21.55 45.74 27.62
C SER D 31 20.40 44.81 27.30
N VAL D 32 19.19 45.25 27.62
CA VAL D 32 17.98 44.51 27.26
C VAL D 32 17.16 45.32 26.27
N HIS D 33 16.62 44.62 25.27
CA HIS D 33 15.79 45.22 24.24
C HIS D 33 14.44 44.50 24.21
N TRP D 34 13.40 45.23 23.80
CA TRP D 34 12.03 44.74 23.82
C TRP D 34 11.34 44.89 22.46
N TYR D 35 10.61 43.84 22.09
CA TYR D 35 9.88 43.75 20.83
C TYR D 35 8.39 43.52 21.05
N GLN D 36 7.58 44.19 20.24
CA GLN D 36 6.16 43.92 20.19
C GLN D 36 5.90 43.06 18.95
N GLN D 37 5.11 42.01 19.08
CA GLN D 37 4.71 41.21 17.94
C GLN D 37 3.20 40.98 17.93
N ARG D 38 2.56 41.50 16.87
CA ARG D 38 1.14 41.30 16.66
C ARG D 38 0.95 40.06 15.82
N PRO D 39 -0.25 39.45 15.86
CA PRO D 39 -0.49 38.20 15.13
C PRO D 39 -0.15 38.31 13.66
N GLY D 40 0.62 37.35 13.14
CA GLY D 40 0.95 37.33 11.73
C GLY D 40 1.96 38.37 11.28
N GLN D 41 2.52 39.12 12.23
CA GLN D 41 3.50 40.14 11.89
C GLN D 41 4.87 39.83 12.45
N ALA D 42 5.91 40.43 11.86
CA ALA D 42 7.25 40.39 12.41
C ALA D 42 7.27 41.18 13.72
N PRO D 43 8.23 40.87 14.62
CA PRO D 43 8.40 41.70 15.82
C PRO D 43 8.87 43.11 15.46
N LEU D 44 8.61 44.05 16.37
CA LEU D 44 9.03 45.43 16.21
C LEU D 44 9.61 45.91 17.52
N VAL D 45 10.82 46.46 17.46
CA VAL D 45 11.52 46.89 18.67
C VAL D 45 10.82 48.12 19.22
N VAL D 46 10.50 48.09 20.51
CA VAL D 46 9.80 49.23 21.10
C VAL D 46 10.64 49.84 22.17
N VAL D 47 11.56 49.07 22.74
CA VAL D 47 12.52 49.67 23.69
C VAL D 47 13.89 49.07 23.45
N TYR D 48 14.95 49.88 23.47
CA TYR D 48 16.28 49.30 23.28
C TYR D 48 17.28 49.92 24.25
N ASP D 49 18.38 49.21 24.51
CA ASP D 49 19.37 49.64 25.48
C ASP D 49 18.71 49.98 26.83
N ASP D 50 17.91 49.04 27.33
CA ASP D 50 17.20 49.12 28.62
C ASP D 50 16.00 50.08 28.62
N SER D 51 16.19 51.29 28.13
CA SER D 51 15.22 52.34 28.40
C SER D 51 15.07 53.38 27.29
N ASP D 52 15.77 53.19 26.18
CA ASP D 52 15.69 54.16 25.09
C ASP D 52 14.59 53.79 24.09
N ARG D 53 14.01 54.81 23.46
CA ARG D 53 12.92 54.55 22.52
C ARG D 53 13.35 54.76 21.09
N PRO D 54 13.05 53.76 20.23
CA PRO D 54 13.25 53.95 18.79
C PRO D 54 12.42 55.12 18.27
N SER D 55 12.96 55.89 17.32
CA SER D 55 12.17 56.88 16.61
C SER D 55 10.86 56.28 16.14
N GLY D 56 9.75 56.98 16.39
CA GLY D 56 8.44 56.53 15.97
C GLY D 56 7.60 55.81 17.01
N ILE D 57 8.22 55.40 18.12
CA ILE D 57 7.51 54.68 19.19
C ILE D 57 6.95 55.67 20.19
N PRO D 58 5.68 55.48 20.62
CA PRO D 58 5.04 56.38 21.59
C PRO D 58 5.83 56.48 22.89
N GLU D 59 5.83 57.66 23.50
CA GLU D 59 6.54 57.89 24.75
C GLU D 59 6.01 57.03 25.92
N ARG D 60 4.79 56.51 25.81
CA ARG D 60 4.24 55.70 26.89
C ARG D 60 4.90 54.30 27.01
N PHE D 61 5.75 53.93 26.04
CA PHE D 61 6.61 52.74 26.20
C PHE D 61 7.92 53.13 26.87
N SER D 62 8.20 52.55 28.03
CA SER D 62 9.48 52.84 28.71
C SER D 62 10.12 51.54 29.22
N GLY D 63 11.37 51.61 29.67
CA GLY D 63 12.02 50.41 30.13
C GLY D 63 12.96 50.67 31.27
N SER D 64 13.26 49.65 32.04
CA SER D 64 14.28 49.75 33.08
C SER D 64 14.99 48.42 33.18
N ASN D 65 16.16 48.41 33.79
CA ASN D 65 16.92 47.16 33.93
C ASN D 65 17.85 47.25 35.12
N SER D 66 17.69 46.32 36.05
CA SER D 66 18.52 46.33 37.25
C SER D 66 18.60 44.94 37.89
N GLY D 67 19.79 44.62 38.41
CA GLY D 67 20.02 43.34 39.04
C GLY D 67 19.72 42.20 38.10
N ASN D 68 18.74 41.38 38.45
CA ASN D 68 18.40 40.27 37.57
C ASN D 68 17.00 40.41 36.97
N THR D 69 16.49 41.64 36.92
CA THR D 69 15.18 41.89 36.31
C THR D 69 15.17 43.17 35.45
N ALA D 70 14.71 43.00 34.21
CA ALA D 70 14.43 44.13 33.34
C ALA D 70 12.91 44.28 33.22
N THR D 71 12.43 45.50 33.03
CA THR D 71 10.98 45.74 32.96
C THR D 71 10.59 46.62 31.78
N LEU D 72 9.68 46.11 30.95
CA LEU D 72 8.98 46.93 29.96
C LEU D 72 7.73 47.52 30.61
N THR D 73 7.62 48.84 30.60
CA THR D 73 6.44 49.51 31.13
C THR D 73 5.64 50.15 30.00
N ILE D 74 4.37 49.79 29.89
CA ILE D 74 3.45 50.44 28.97
C ILE D 74 2.43 51.25 29.74
N SER D 75 2.54 52.58 29.68
CA SER D 75 1.59 53.44 30.36
C SER D 75 0.37 53.71 29.50
N ARG D 76 -0.71 54.15 30.14
CA ARG D 76 -1.92 54.57 29.47
C ARG D 76 -2.28 53.59 28.35
N VAL D 77 -2.47 52.34 28.73
CA VAL D 77 -2.61 51.24 27.80
C VAL D 77 -3.87 51.39 26.94
N GLU D 78 -3.73 51.02 25.67
CA GLU D 78 -4.84 51.03 24.72
C GLU D 78 -5.16 49.59 24.29
N ALA D 79 -6.37 49.41 23.74
CA ALA D 79 -6.75 48.11 23.23
C ALA D 79 -5.78 47.64 22.15
N GLY D 80 -5.20 48.59 21.41
CA GLY D 80 -4.25 48.24 20.37
C GLY D 80 -2.92 47.72 20.89
N ASP D 81 -2.71 47.79 22.21
CA ASP D 81 -1.47 47.29 22.79
C ASP D 81 -1.49 45.77 23.04
N GLU D 82 -2.65 45.14 22.84
CA GLU D 82 -2.72 43.67 22.94
C GLU D 82 -1.78 43.08 21.90
N ALA D 83 -0.85 42.26 22.35
CA ALA D 83 0.19 41.68 21.49
C ALA D 83 1.07 40.80 22.34
N ASP D 84 2.06 40.17 21.71
CA ASP D 84 3.09 39.45 22.45
C ASP D 84 4.30 40.36 22.60
N TYR D 85 4.98 40.30 23.73
CA TYR D 85 6.16 41.14 23.96
C TYR D 85 7.33 40.27 24.34
N TYR D 86 8.48 40.51 23.72
CA TYR D 86 9.66 39.70 23.96
C TYR D 86 10.84 40.55 24.39
N CYS D 87 11.58 40.11 25.41
CA CYS D 87 12.88 40.71 25.67
C CYS D 87 13.98 39.95 24.95
N GLN D 88 15.15 40.59 24.88
CA GLN D 88 16.24 40.10 24.07
C GLN D 88 17.56 40.68 24.57
N VAL D 89 18.57 39.82 24.67
CA VAL D 89 19.95 40.26 24.91
C VAL D 89 20.91 39.63 23.92
N TRP D 90 22.15 40.11 23.93
CA TRP D 90 23.26 39.38 23.32
C TRP D 90 24.10 38.79 24.43
N ASP D 91 24.30 37.49 24.38
CA ASP D 91 25.09 36.76 25.37
C ASP D 91 26.49 36.53 24.80
N ASP D 92 27.46 37.29 25.31
CA ASP D 92 28.81 37.21 24.79
C ASP D 92 29.61 36.04 25.37
N SER D 93 29.02 35.31 26.32
CA SER D 93 29.72 34.16 26.87
C SER D 93 29.47 32.92 26.01
N ILE D 94 28.44 32.96 25.18
CA ILE D 94 28.17 31.88 24.24
C ILE D 94 28.04 32.40 22.81
N ASN D 95 28.18 33.71 22.66
CA ASN D 95 28.06 34.39 21.37
C ASN D 95 26.76 34.04 20.71
N ALA D 96 25.66 34.36 21.39
CA ALA D 96 24.33 34.11 20.80
C ALA D 96 23.35 35.18 21.24
N TYR D 97 22.40 35.49 20.36
CA TYR D 97 21.25 36.29 20.75
C TYR D 97 20.32 35.42 21.56
N VAL D 98 19.77 35.96 22.63
CA VAL D 98 18.82 35.20 23.46
C VAL D 98 17.52 35.98 23.62
N PHE D 99 16.39 35.30 23.41
CA PHE D 99 15.08 35.92 23.56
C PHE D 99 14.44 35.45 24.85
N GLY D 100 13.58 36.27 25.42
CA GLY D 100 12.72 35.81 26.49
C GLY D 100 11.63 34.90 25.94
N THR D 101 10.88 34.26 26.84
CA THR D 101 9.87 33.30 26.44
C THR D 101 8.58 33.96 25.98
N GLY D 102 8.48 35.27 26.13
CA GLY D 102 7.34 36.02 25.62
C GLY D 102 6.21 36.23 26.62
N THR D 103 5.57 37.39 26.54
CA THR D 103 4.42 37.72 27.37
C THR D 103 3.24 38.19 26.53
N LYS D 104 2.11 37.52 26.67
CA LYS D 104 0.91 38.01 26.01
C LYS D 104 0.25 39.09 26.87
N VAL D 105 0.06 40.28 26.31
CA VAL D 105 -0.71 41.30 27.01
C VAL D 105 -2.17 41.23 26.61
N THR D 106 -2.99 40.97 27.63
CA THR D 106 -4.45 40.97 27.53
C THR D 106 -5.05 42.24 28.14
N VAL D 107 -5.96 42.88 27.43
CA VAL D 107 -6.65 44.06 27.95
C VAL D 107 -7.92 43.64 28.70
N LEU D 108 -8.06 44.16 29.91
CA LEU D 108 -9.26 43.94 30.70
C LEU D 108 -10.38 44.82 30.18
N ARG D 109 -11.58 44.29 30.22
CA ARG D 109 -12.77 45.05 29.89
C ARG D 109 -13.93 44.42 30.63
N THR D 110 -15.11 44.98 30.46
CA THR D 110 -16.29 44.43 31.11
C THR D 110 -16.72 43.12 30.44
N VAL D 111 -17.46 42.31 31.20
CA VAL D 111 -18.04 41.07 30.71
C VAL D 111 -18.94 41.34 29.49
N ALA D 112 -18.82 40.50 28.46
CA ALA D 112 -19.66 40.65 27.27
C ALA D 112 -20.18 39.28 26.86
N ALA D 113 -21.49 39.15 26.77
CA ALA D 113 -22.10 37.87 26.40
C ALA D 113 -21.92 37.57 24.92
N PRO D 114 -21.74 36.28 24.57
CA PRO D 114 -21.61 35.91 23.16
C PRO D 114 -22.93 35.93 22.40
N SER D 115 -22.86 36.34 21.15
CA SER D 115 -23.96 36.14 20.22
C SER D 115 -23.72 34.80 19.52
N VAL D 116 -24.66 33.87 19.67
CA VAL D 116 -24.41 32.49 19.23
C VAL D 116 -25.19 32.21 17.95
N PHE D 117 -24.53 31.54 16.99
CA PHE D 117 -25.11 31.17 15.71
C PHE D 117 -24.77 29.73 15.40
N ILE D 118 -25.73 28.97 14.88
CA ILE D 118 -25.40 27.62 14.42
C ILE D 118 -25.60 27.50 12.90
N PHE D 119 -24.70 26.77 12.25
CA PHE D 119 -24.75 26.57 10.80
C PHE D 119 -24.81 25.07 10.50
N PRO D 120 -25.88 24.63 9.79
CA PRO D 120 -25.92 23.25 9.29
C PRO D 120 -24.81 23.02 8.27
N PRO D 121 -24.50 21.75 7.97
CA PRO D 121 -23.58 21.51 6.85
C PRO D 121 -24.20 21.96 5.53
N SER D 122 -23.35 22.31 4.57
CA SER D 122 -23.81 22.69 3.24
C SER D 122 -24.16 21.45 2.43
N ASP D 123 -25.01 21.59 1.43
CA ASP D 123 -25.33 20.45 0.57
C ASP D 123 -24.09 19.97 -0.17
N SER D 124 -23.23 20.88 -0.63
CA SER D 124 -22.01 20.49 -1.34
C SER D 124 -21.12 19.59 -0.44
N GLN D 125 -21.01 19.96 0.83
CA GLN D 125 -20.20 19.12 1.71
C GLN D 125 -20.82 17.75 1.90
N LEU D 126 -22.13 17.70 2.02
CA LEU D 126 -22.80 16.42 2.20
C LEU D 126 -22.58 15.54 0.97
N LYS D 127 -22.59 16.15 -0.21
CA LYS D 127 -22.33 15.40 -1.43
C LYS D 127 -20.94 14.80 -1.41
N SER D 128 -20.00 15.51 -0.77
CA SER D 128 -18.66 14.94 -0.56
C SER D 128 -18.62 13.79 0.47
N GLY D 129 -19.66 13.63 1.27
CA GLY D 129 -19.71 12.52 2.20
C GLY D 129 -19.44 12.86 3.66
N THR D 130 -19.29 14.14 3.95
CA THR D 130 -19.00 14.59 5.31
C THR D 130 -19.95 15.71 5.73
N ALA D 131 -20.25 15.80 7.02
CA ALA D 131 -21.06 16.88 7.56
C ALA D 131 -20.31 17.62 8.65
N SER D 132 -20.03 18.90 8.43
CA SER D 132 -19.51 19.76 9.49
C SER D 132 -20.59 20.73 9.97
N VAL D 133 -20.85 20.69 11.27
CA VAL D 133 -21.83 21.56 11.88
C VAL D 133 -21.07 22.60 12.67
N VAL D 134 -21.36 23.88 12.44
CA VAL D 134 -20.52 24.91 13.06
C VAL D 134 -21.30 25.74 14.05
N CYS D 135 -20.74 25.92 15.25
CA CYS D 135 -21.31 26.82 16.23
C CYS D 135 -20.37 28.01 16.39
N LEU D 136 -20.89 29.22 16.22
CA LEU D 136 -20.14 30.46 16.39
C LEU D 136 -20.58 31.19 17.65
N LEU D 137 -19.62 31.48 18.52
CA LEU D 137 -19.78 32.39 19.66
C LEU D 137 -19.09 33.69 19.30
N ASN D 138 -19.87 34.77 19.12
CA ASN D 138 -19.29 36.00 18.61
C ASN D 138 -19.19 37.10 19.66
N ASN D 139 -18.03 37.76 19.67
CA ASN D 139 -17.77 38.99 20.45
C ASN D 139 -18.08 38.88 21.93
N PHE D 140 -17.31 38.05 22.62
CA PHE D 140 -17.56 37.87 24.05
C PHE D 140 -16.33 38.14 24.89
N TYR D 141 -16.55 38.23 26.19
CA TYR D 141 -15.46 38.46 27.14
C TYR D 141 -15.94 38.06 28.54
N PRO D 142 -15.09 37.36 29.30
CA PRO D 142 -13.71 36.95 28.99
C PRO D 142 -13.64 35.72 28.09
N ARG D 143 -12.42 35.29 27.79
CA ARG D 143 -12.17 34.22 26.82
C ARG D 143 -12.77 32.87 27.22
N GLU D 144 -12.94 32.62 28.51
CA GLU D 144 -13.44 31.33 28.98
C GLU D 144 -14.89 31.05 28.56
N ALA D 145 -15.12 29.91 27.93
CA ALA D 145 -16.47 29.54 27.50
C ALA D 145 -16.58 28.03 27.35
N LYS D 146 -17.77 27.49 27.60
CA LYS D 146 -18.00 26.08 27.39
C LYS D 146 -19.03 25.87 26.28
N VAL D 147 -18.71 24.99 25.34
CA VAL D 147 -19.60 24.65 24.25
C VAL D 147 -19.82 23.15 24.24
N GLN D 148 -21.07 22.73 24.36
CA GLN D 148 -21.40 21.31 24.33
C GLN D 148 -22.32 21.00 23.17
N TRP D 149 -22.00 19.96 22.42
CA TRP D 149 -22.85 19.53 21.30
C TRP D 149 -23.84 18.47 21.73
N LYS D 150 -25.09 18.63 21.29
CA LYS D 150 -26.15 17.64 21.53
C LYS D 150 -26.81 17.28 20.21
N VAL D 151 -26.85 15.99 19.89
CA VAL D 151 -27.49 15.54 18.66
C VAL D 151 -28.67 14.64 19.03
N ASP D 152 -29.88 15.10 18.71
CA ASP D 152 -31.12 14.53 19.25
C ASP D 152 -31.01 14.35 20.78
N ASN D 153 -30.58 15.43 21.44
CA ASN D 153 -30.49 15.51 22.90
C ASN D 153 -29.41 14.61 23.53
N ALA D 154 -28.62 13.93 22.71
CA ALA D 154 -27.52 13.13 23.21
C ALA D 154 -26.20 13.93 23.19
N LEU D 155 -25.57 14.09 24.35
CA LEU D 155 -24.34 14.88 24.42
C LEU D 155 -23.20 14.21 23.66
N GLN D 156 -22.49 14.99 22.86
CA GLN D 156 -21.41 14.48 22.02
C GLN D 156 -20.06 14.63 22.71
N SER D 157 -19.14 13.73 22.38
CA SER D 157 -17.80 13.77 22.93
C SER D 157 -16.80 13.26 21.91
N GLY D 158 -15.69 13.98 21.75
CA GLY D 158 -14.60 13.50 20.92
C GLY D 158 -14.72 13.76 19.44
N ASN D 159 -15.81 14.39 19.00
CA ASN D 159 -15.98 14.66 17.56
C ASN D 159 -16.13 16.14 17.22
N SER D 160 -15.58 17.00 18.06
CA SER D 160 -15.61 18.43 17.77
C SER D 160 -14.25 19.09 18.03
N GLN D 161 -13.98 20.17 17.32
CA GLN D 161 -12.76 20.93 17.57
C GLN D 161 -13.10 22.40 17.69
N GLU D 162 -12.37 23.11 18.55
CA GLU D 162 -12.58 24.54 18.76
C GLU D 162 -11.43 25.39 18.26
N SER D 163 -11.78 26.59 17.81
CA SER D 163 -10.79 27.60 17.50
C SER D 163 -11.21 28.93 18.10
N VAL D 164 -10.26 29.68 18.64
CA VAL D 164 -10.54 30.99 19.23
C VAL D 164 -9.62 32.08 18.64
N THR D 165 -10.22 33.22 18.37
CA THR D 165 -9.46 34.33 17.83
C THR D 165 -8.56 34.89 18.91
N GLU D 166 -7.57 35.67 18.47
CA GLU D 166 -6.80 36.48 19.41
C GLU D 166 -7.72 37.59 19.88
N GLN D 167 -7.38 38.21 21.01
CA GLN D 167 -8.21 39.29 21.52
C GLN D 167 -8.30 40.41 20.49
N ASP D 168 -9.50 40.95 20.27
CA ASP D 168 -9.67 41.95 19.22
C ASP D 168 -8.92 43.23 19.56
N SER D 169 -8.26 43.81 18.56
CA SER D 169 -7.35 44.92 18.82
C SER D 169 -8.11 46.23 19.02
N LYS D 170 -9.41 46.21 18.77
CA LYS D 170 -10.23 47.39 18.93
C LYS D 170 -11.26 47.29 20.07
N ASP D 171 -11.96 46.16 20.20
CA ASP D 171 -12.99 46.07 21.24
C ASP D 171 -12.64 45.07 22.35
N SER D 172 -11.48 44.43 22.24
CA SER D 172 -10.96 43.55 23.29
C SER D 172 -11.82 42.31 23.57
N THR D 173 -12.68 41.94 22.63
CA THR D 173 -13.45 40.71 22.80
C THR D 173 -12.80 39.53 22.09
N TYR D 174 -13.41 38.36 22.25
CA TYR D 174 -13.00 37.13 21.57
C TYR D 174 -14.15 36.61 20.74
N SER D 175 -13.83 35.82 19.72
CA SER D 175 -14.83 34.99 19.05
C SER D 175 -14.31 33.57 19.00
N LEU D 176 -15.23 32.61 18.88
CA LEU D 176 -14.88 31.20 18.98
C LEU D 176 -15.76 30.40 18.05
N SER D 177 -15.18 29.38 17.42
CA SER D 177 -15.97 28.42 16.66
C SER D 177 -15.78 27.03 17.24
N SER D 178 -16.86 26.26 17.26
CA SER D 178 -16.80 24.86 17.59
C SER D 178 -17.36 24.11 16.41
N THR D 179 -16.63 23.12 15.90
CA THR D 179 -17.05 22.40 14.71
C THR D 179 -17.21 20.93 15.03
N LEU D 180 -18.43 20.46 14.83
CA LEU D 180 -18.77 19.05 15.04
C LEU D 180 -18.67 18.37 13.69
N THR D 181 -17.91 17.29 13.60
CA THR D 181 -17.79 16.61 12.30
C THR D 181 -18.29 15.17 12.36
N LEU D 182 -19.23 14.85 11.46
CA LEU D 182 -19.76 13.50 11.32
C LEU D 182 -19.64 13.07 9.87
N SER D 183 -19.74 11.76 9.62
CA SER D 183 -19.94 11.31 8.25
C SER D 183 -21.34 11.73 7.82
N LYS D 184 -21.53 11.91 6.52
CA LYS D 184 -22.86 12.14 5.98
C LYS D 184 -23.85 11.03 6.43
N ALA D 185 -23.37 9.78 6.39
CA ALA D 185 -24.18 8.64 6.76
C ALA D 185 -24.67 8.73 8.21
N ASP D 186 -23.81 9.20 9.11
CA ASP D 186 -24.22 9.37 10.50
C ASP D 186 -25.13 10.57 10.67
N TYR D 187 -24.76 11.68 10.01
CA TYR D 187 -25.54 12.91 10.06
C TYR D 187 -27.02 12.71 9.74
N GLU D 188 -27.29 11.96 8.67
CA GLU D 188 -28.67 11.81 8.22
C GLU D 188 -29.50 10.88 9.11
N LYS D 189 -28.88 10.31 10.14
CA LYS D 189 -29.61 9.43 11.05
C LYS D 189 -30.27 10.20 12.20
N HIS D 190 -30.03 11.51 12.26
CA HIS D 190 -30.49 12.31 13.39
C HIS D 190 -31.24 13.55 12.98
N LYS D 191 -32.13 13.99 13.85
CA LYS D 191 -33.00 15.12 13.54
C LYS D 191 -32.46 16.45 14.06
N VAL D 192 -32.23 16.54 15.37
CA VAL D 192 -31.93 17.83 15.99
C VAL D 192 -30.45 18.01 16.31
N TYR D 193 -29.88 19.10 15.82
CA TYR D 193 -28.50 19.44 16.12
C TYR D 193 -28.48 20.72 16.96
N ALA D 194 -27.79 20.67 18.09
CA ALA D 194 -27.80 21.80 19.03
C ALA D 194 -26.44 22.06 19.66
N CYS D 195 -26.08 23.33 19.80
CA CYS D 195 -24.91 23.63 20.62
C CYS D 195 -25.37 24.48 21.80
N GLU D 196 -24.89 24.09 22.97
CA GLU D 196 -25.22 24.69 24.25
C GLU D 196 -24.01 25.43 24.77
N VAL D 197 -24.17 26.74 24.95
CA VAL D 197 -23.09 27.63 25.32
C VAL D 197 -23.25 28.18 26.73
N THR D 198 -22.19 28.00 27.51
CA THR D 198 -22.08 28.50 28.88
C THR D 198 -21.01 29.56 28.93
N HIS D 199 -21.36 30.72 29.47
CA HIS D 199 -20.44 31.85 29.57
C HIS D 199 -20.86 32.79 30.70
N GLN D 200 -19.89 33.46 31.30
CA GLN D 200 -20.13 34.35 32.44
C GLN D 200 -21.14 35.45 32.14
N GLY D 201 -21.22 35.88 30.89
CA GLY D 201 -22.13 36.93 30.49
C GLY D 201 -23.57 36.50 30.27
N LEU D 202 -23.82 35.19 30.35
CA LEU D 202 -25.17 34.64 30.22
C LEU D 202 -25.73 34.20 31.57
N SER D 203 -27.00 34.51 31.83
CA SER D 203 -27.60 34.16 33.12
C SER D 203 -27.73 32.64 33.25
N SER D 204 -28.02 32.01 32.12
CA SER D 204 -28.11 30.55 32.03
C SER D 204 -27.65 30.12 30.63
N PRO D 205 -27.30 28.84 30.45
CA PRO D 205 -26.78 28.45 29.13
C PRO D 205 -27.74 28.73 27.97
N VAL D 206 -27.17 29.15 26.85
CA VAL D 206 -27.94 29.46 25.65
C VAL D 206 -27.81 28.30 24.69
N THR D 207 -28.93 27.85 24.13
CA THR D 207 -28.90 26.77 23.15
C THR D 207 -29.33 27.28 21.78
N LYS D 208 -28.51 26.98 20.77
CA LYS D 208 -28.90 27.25 19.38
C LYS D 208 -29.05 25.91 18.69
N SER D 209 -30.13 25.73 17.95
CA SER D 209 -30.39 24.43 17.33
C SER D 209 -31.10 24.51 15.99
N PHE D 210 -31.07 23.41 15.25
CA PHE D 210 -31.87 23.31 14.05
C PHE D 210 -32.38 21.89 13.91
N ASN D 211 -33.53 21.76 13.26
CA ASN D 211 -34.07 20.49 12.77
C ASN D 211 -33.68 20.32 11.32
N ARG D 212 -33.09 19.17 10.98
CA ARG D 212 -32.63 18.93 9.61
C ARG D 212 -33.73 19.16 8.57
N GLY D 213 -33.38 19.90 7.53
CA GLY D 213 -34.35 20.37 6.55
C GLY D 213 -35.02 21.65 7.04
N M3L E . -31.04 -41.30 -26.17
CA M3L E . -31.47 -40.78 -24.85
CB M3L E . -30.52 -39.63 -24.33
CG M3L E . -29.23 -39.59 -25.18
CD M3L E . -27.96 -39.52 -24.29
CE M3L E . -27.78 -38.13 -23.71
NZ M3L E . -26.44 -37.55 -24.00
C M3L E . -32.96 -40.40 -24.87
O M3L E . -33.62 -40.33 -23.78
OXT M3L E . -33.55 -40.17 -25.97
CM1 M3L E . -25.36 -38.18 -23.28
CM2 M3L E . -26.14 -37.60 -25.42
CM3 M3L E . -26.47 -36.20 -23.58
N M3L F . 32.01 43.70 20.15
CA M3L F . 31.92 42.32 20.71
CB M3L F . 30.92 41.43 19.86
CG M3L F . 30.08 42.32 18.93
CD M3L F . 28.61 41.85 18.83
CE M3L F . 28.50 40.50 18.16
NZ M3L F . 27.36 40.43 17.21
C M3L F . 33.31 41.71 20.92
O M3L F . 34.33 42.20 20.32
OXT M3L F . 33.45 40.72 21.70
CM1 M3L F . 26.08 40.44 17.85
CM2 M3L F . 27.42 41.53 16.25
CM3 M3L F . 27.48 39.19 16.56
#